data_1B7G
#
_entry.id   1B7G
#
_cell.length_a   101.550
_cell.length_b   101.550
_cell.length_c   179.920
_cell.angle_alpha   90.00
_cell.angle_beta   90.00
_cell.angle_gamma   90.00
#
_symmetry.space_group_name_H-M   'P 41 21 2'
#
loop_
_entity.id
_entity.type
_entity.pdbx_description
1 polymer 'PROTEIN (GLYCERALDEHYDE 3-PHOSPHATE DEHYDROGENASE)'
2 non-polymer 'SULFATE ION'
3 water water
#
_entity_poly.entity_id   1
_entity_poly.type   'polypeptide(L)'
_entity_poly.pdbx_seq_one_letter_code
;MVNVAVNGYGTIGKRVADAIIKQPDMKLVGVAKTSPNYEAFIAHRRGIRIYVPQQSIKKFEESGIPVAGTVEDLIKTSDI
VVDTTPNGVGAQYKPIYLQLQRNAIFQGGEKAEVADISFSALCNYNEALGKKYIRVVSCNTTALLRTICTVNKVSKVEKV
RATIVRRAADQKEVKKGPINSLVPDPATVPSHHAKDVNSVIRNLDIATMAVIAPTTLMHMHFINITLKDKVEKKDILSVL
ENTPRIVLISSKYDAEATAELVEVARDLKRDRNDIPEVMIFSDSIYVKDDEVMLMYAVHQESIVVPENIDAIRASMKLMS
AEDSMRITNESLGILKGYLI
;
_entity_poly.pdbx_strand_id   O,Q
#
# COMPACT_ATOMS: atom_id res chain seq x y z
N MET A 1 -30.26 -7.88 10.79
CA MET A 1 -30.65 -7.30 9.45
C MET A 1 -30.49 -8.38 8.40
N VAL A 2 -29.56 -8.21 7.45
CA VAL A 2 -29.22 -9.38 6.64
C VAL A 2 -27.91 -9.84 7.30
N ASN A 3 -27.90 -11.05 7.83
CA ASN A 3 -26.73 -11.61 8.46
C ASN A 3 -25.85 -12.26 7.39
N VAL A 4 -24.60 -11.81 7.24
CA VAL A 4 -23.73 -12.34 6.19
C VAL A 4 -22.49 -13.01 6.73
N ALA A 5 -22.24 -14.21 6.19
CA ALA A 5 -21.01 -14.95 6.45
C ALA A 5 -20.01 -14.77 5.28
N VAL A 6 -18.72 -14.78 5.52
CA VAL A 6 -17.67 -14.79 4.51
C VAL A 6 -16.82 -16.05 4.66
N ASN A 7 -16.91 -16.91 3.64
CA ASN A 7 -16.19 -18.19 3.66
C ASN A 7 -14.90 -18.04 2.86
N GLY A 8 -13.78 -17.97 3.56
CA GLY A 8 -12.46 -17.76 3.02
C GLY A 8 -11.93 -16.35 3.23
N TYR A 9 -11.25 -16.07 4.33
CA TYR A 9 -10.71 -14.76 4.66
C TYR A 9 -9.37 -14.52 3.97
N GLY A 10 -9.35 -14.33 2.63
CA GLY A 10 -8.05 -14.15 1.94
C GLY A 10 -8.06 -12.74 1.34
N THR A 11 -7.44 -12.53 0.18
CA THR A 11 -7.42 -11.16 -0.40
C THR A 11 -8.81 -10.58 -0.57
N ILE A 12 -9.70 -11.35 -1.24
CA ILE A 12 -11.06 -10.88 -1.48
C ILE A 12 -11.93 -10.92 -0.20
N GLY A 13 -11.92 -12.07 0.49
CA GLY A 13 -12.73 -12.25 1.69
C GLY A 13 -12.49 -11.19 2.75
N LYS A 14 -11.21 -10.90 3.11
CA LYS A 14 -10.97 -9.84 4.10
C LYS A 14 -11.62 -8.55 3.65
N ARG A 15 -11.58 -8.19 2.37
CA ARG A 15 -12.20 -6.96 1.89
C ARG A 15 -13.73 -7.13 1.77
N VAL A 16 -14.23 -8.31 1.50
CA VAL A 16 -15.73 -8.40 1.47
C VAL A 16 -16.25 -8.32 2.90
N ALA A 17 -15.48 -8.85 3.85
CA ALA A 17 -15.88 -8.72 5.27
C ALA A 17 -15.92 -7.28 5.71
N ASP A 18 -14.89 -6.48 5.39
CA ASP A 18 -14.88 -5.09 5.70
C ASP A 18 -16.00 -4.29 5.02
N ALA A 19 -16.32 -4.61 3.77
CA ALA A 19 -17.44 -3.91 3.10
C ALA A 19 -18.79 -4.23 3.73
N ILE A 20 -18.96 -5.45 4.19
CA ILE A 20 -20.18 -5.91 4.84
C ILE A 20 -20.40 -5.11 6.14
N ILE A 21 -19.28 -4.89 6.85
CA ILE A 21 -19.27 -4.08 8.05
C ILE A 21 -19.71 -2.66 7.74
N LYS A 22 -19.35 -2.12 6.59
CA LYS A 22 -19.76 -0.77 6.25
C LYS A 22 -21.17 -0.65 5.72
N GLN A 23 -21.90 -1.72 5.47
CA GLN A 23 -23.25 -1.58 4.91
C GLN A 23 -24.24 -1.29 6.05
N PRO A 24 -25.20 -0.42 5.84
CA PRO A 24 -26.23 -0.12 6.86
C PRO A 24 -27.21 -1.25 7.07
N ASP A 25 -27.40 -2.12 6.08
CA ASP A 25 -28.43 -3.16 6.16
C ASP A 25 -27.89 -4.54 6.27
N MET A 26 -26.58 -4.66 6.58
CA MET A 26 -26.00 -5.98 6.74
C MET A 26 -25.20 -6.06 8.04
N LYS A 27 -25.00 -7.25 8.53
CA LYS A 27 -24.10 -7.42 9.67
C LYS A 27 -23.21 -8.63 9.38
N LEU A 28 -21.91 -8.46 9.63
CA LEU A 28 -20.98 -9.55 9.44
C LEU A 28 -21.12 -10.57 10.58
N VAL A 29 -21.51 -11.78 10.27
CA VAL A 29 -21.67 -12.83 11.28
C VAL A 29 -20.31 -13.37 11.68
N GLY A 30 -19.42 -13.52 10.69
CA GLY A 30 -18.10 -14.09 11.01
C GLY A 30 -17.45 -14.52 9.68
N VAL A 31 -16.20 -14.96 9.75
CA VAL A 31 -15.46 -15.36 8.55
C VAL A 31 -14.87 -16.74 8.74
N ALA A 32 -14.66 -17.45 7.63
CA ALA A 32 -14.11 -18.81 7.71
C ALA A 32 -12.71 -18.89 7.10
N LYS A 33 -11.83 -19.60 7.78
CA LYS A 33 -10.42 -19.66 7.38
C LYS A 33 -9.74 -20.95 7.83
N THR A 34 -8.76 -21.47 7.10
CA THR A 34 -8.13 -22.72 7.50
C THR A 34 -6.84 -22.56 8.30
N SER A 35 -5.99 -21.62 7.98
CA SER A 35 -4.73 -21.41 8.65
C SER A 35 -4.71 -20.14 9.50
N PRO A 36 -4.07 -20.24 10.66
CA PRO A 36 -3.97 -19.13 11.59
C PRO A 36 -2.78 -18.23 11.31
N ASN A 37 -2.74 -17.65 10.11
CA ASN A 37 -1.67 -16.74 9.72
C ASN A 37 -1.92 -15.33 10.20
N TYR A 38 -1.17 -14.34 9.77
CA TYR A 38 -1.26 -12.96 10.16
C TYR A 38 -2.60 -12.33 9.80
N GLU A 39 -3.26 -12.79 8.73
CA GLU A 39 -4.58 -12.32 8.38
C GLU A 39 -5.60 -12.76 9.44
N ALA A 40 -5.59 -14.02 9.86
CA ALA A 40 -6.45 -14.45 10.94
C ALA A 40 -6.17 -13.72 12.25
N PHE A 41 -4.91 -13.51 12.61
CA PHE A 41 -4.54 -12.78 13.80
C PHE A 41 -5.21 -11.41 13.82
N ILE A 42 -4.99 -10.69 12.72
CA ILE A 42 -5.53 -9.34 12.57
C ILE A 42 -7.04 -9.30 12.55
N ALA A 43 -7.73 -10.28 12.00
CA ALA A 43 -9.18 -10.31 12.04
C ALA A 43 -9.66 -10.46 13.50
N HIS A 44 -9.07 -11.46 14.18
CA HIS A 44 -9.35 -11.76 15.55
C HIS A 44 -9.21 -10.50 16.45
N ARG A 45 -8.11 -9.79 16.28
CA ARG A 45 -7.86 -8.57 17.00
C ARG A 45 -8.88 -7.49 16.72
N ARG A 46 -9.47 -7.46 15.53
CA ARG A 46 -10.53 -6.51 15.25
C ARG A 46 -11.90 -7.00 15.74
N GLY A 47 -11.96 -8.15 16.41
CA GLY A 47 -13.23 -8.64 16.92
C GLY A 47 -14.04 -9.48 15.95
N ILE A 48 -13.43 -9.79 14.81
CA ILE A 48 -14.13 -10.64 13.84
C ILE A 48 -14.10 -12.09 14.30
N ARG A 49 -15.26 -12.72 14.34
CA ARG A 49 -15.38 -14.12 14.72
C ARG A 49 -14.85 -15.03 13.61
N ILE A 50 -13.95 -15.91 13.95
CA ILE A 50 -13.36 -16.84 13.01
C ILE A 50 -13.82 -18.27 13.21
N TYR A 51 -14.35 -18.85 12.16
CA TYR A 51 -14.86 -20.20 12.13
C TYR A 51 -13.91 -21.04 11.27
N VAL A 52 -13.68 -22.27 11.64
CA VAL A 52 -12.67 -23.13 11.01
C VAL A 52 -13.24 -24.50 10.68
N PRO A 53 -12.82 -25.11 9.58
CA PRO A 53 -13.28 -26.44 9.23
C PRO A 53 -12.97 -27.42 10.35
N GLN A 54 -13.95 -28.19 10.75
CA GLN A 54 -13.86 -29.22 11.77
C GLN A 54 -12.51 -29.89 11.88
N GLN A 55 -11.97 -30.39 10.77
CA GLN A 55 -10.70 -31.07 10.74
C GLN A 55 -9.50 -30.18 10.93
N SER A 56 -9.67 -28.86 10.98
CA SER A 56 -8.53 -27.98 11.18
C SER A 56 -8.60 -27.28 12.53
N ILE A 57 -9.74 -27.39 13.21
CA ILE A 57 -9.94 -26.72 14.48
C ILE A 57 -8.79 -26.87 15.46
N LYS A 58 -8.29 -28.06 15.74
CA LYS A 58 -7.20 -28.20 16.72
C LYS A 58 -5.90 -27.56 16.25
N LYS A 59 -5.47 -27.73 15.01
CA LYS A 59 -4.22 -27.09 14.57
C LYS A 59 -4.38 -25.58 14.60
N PHE A 60 -5.56 -25.10 14.17
CA PHE A 60 -5.82 -23.67 14.24
C PHE A 60 -5.71 -23.17 15.67
N GLU A 61 -6.28 -23.94 16.61
CA GLU A 61 -6.29 -23.56 18.01
C GLU A 61 -4.93 -23.60 18.68
N GLU A 62 -3.93 -24.26 18.08
CA GLU A 62 -2.58 -24.20 18.61
C GLU A 62 -2.06 -22.76 18.61
N SER A 63 -2.61 -21.88 17.78
CA SER A 63 -2.18 -20.51 17.67
C SER A 63 -2.64 -19.61 18.82
N GLY A 64 -3.69 -20.04 19.53
CA GLY A 64 -4.23 -19.22 20.59
C GLY A 64 -5.34 -18.33 20.07
N ILE A 65 -5.64 -18.42 18.76
CA ILE A 65 -6.76 -17.60 18.25
C ILE A 65 -8.02 -18.42 18.46
N PRO A 66 -9.01 -17.89 19.16
CA PRO A 66 -10.22 -18.62 19.41
C PRO A 66 -11.01 -18.87 18.12
N VAL A 67 -11.72 -19.97 18.04
CA VAL A 67 -12.56 -20.43 16.99
C VAL A 67 -14.03 -20.46 17.40
N ALA A 68 -14.88 -19.72 16.73
CA ALA A 68 -16.28 -19.61 17.05
C ALA A 68 -17.12 -20.80 16.73
N GLY A 69 -16.68 -21.68 15.83
CA GLY A 69 -17.47 -22.85 15.46
C GLY A 69 -16.95 -23.42 14.13
N THR A 70 -17.65 -24.38 13.58
CA THR A 70 -17.26 -24.97 12.30
C THR A 70 -17.70 -24.06 11.16
N VAL A 71 -17.34 -24.45 9.93
CA VAL A 71 -17.85 -23.66 8.78
C VAL A 71 -19.35 -23.82 8.68
N GLU A 72 -19.84 -25.03 8.92
CA GLU A 72 -21.25 -25.32 8.94
C GLU A 72 -22.01 -24.45 9.94
N ASP A 73 -21.43 -24.27 11.12
CA ASP A 73 -22.04 -23.40 12.12
C ASP A 73 -22.25 -22.00 11.53
N LEU A 74 -21.17 -21.47 10.99
CA LEU A 74 -21.15 -20.12 10.40
C LEU A 74 -22.22 -20.04 9.33
N ILE A 75 -22.29 -21.10 8.51
CA ILE A 75 -23.27 -21.20 7.46
C ILE A 75 -24.69 -21.18 8.01
N LYS A 76 -24.95 -22.04 9.01
CA LYS A 76 -26.26 -22.12 9.65
C LYS A 76 -26.70 -20.80 10.24
N THR A 77 -25.79 -20.06 10.86
CA THR A 77 -26.08 -18.76 11.45
C THR A 77 -26.33 -17.64 10.47
N SER A 78 -25.80 -17.73 9.24
CA SER A 78 -26.03 -16.60 8.32
C SER A 78 -27.35 -16.76 7.61
N ASP A 79 -27.85 -15.69 7.03
CA ASP A 79 -28.92 -15.64 6.07
C ASP A 79 -28.34 -15.86 4.65
N ILE A 80 -27.05 -15.62 4.44
CA ILE A 80 -26.42 -15.76 3.10
C ILE A 80 -24.91 -15.82 3.22
N VAL A 81 -24.26 -16.64 2.38
CA VAL A 81 -22.81 -16.78 2.49
C VAL A 81 -22.11 -16.16 1.25
N VAL A 82 -21.07 -15.38 1.47
CA VAL A 82 -20.18 -14.88 0.43
C VAL A 82 -18.97 -15.86 0.37
N ASP A 83 -18.96 -16.70 -0.65
CA ASP A 83 -17.90 -17.70 -0.78
C ASP A 83 -16.74 -17.07 -1.56
N THR A 84 -15.61 -16.97 -0.88
CA THR A 84 -14.39 -16.39 -1.46
C THR A 84 -13.23 -17.34 -1.28
N THR A 85 -13.50 -18.63 -1.37
CA THR A 85 -12.54 -19.69 -1.26
C THR A 85 -11.74 -19.80 -2.58
N PRO A 86 -10.69 -20.58 -2.57
CA PRO A 86 -9.85 -20.75 -3.75
C PRO A 86 -10.58 -21.31 -4.93
N ASN A 87 -10.12 -21.10 -6.18
CA ASN A 87 -10.87 -21.64 -7.33
C ASN A 87 -11.10 -23.14 -7.09
N GLY A 88 -12.33 -23.57 -7.37
CA GLY A 88 -12.66 -24.99 -7.20
C GLY A 88 -13.18 -25.33 -5.82
N VAL A 89 -12.86 -24.56 -4.78
CA VAL A 89 -13.36 -24.88 -3.42
C VAL A 89 -14.81 -24.49 -3.30
N GLY A 90 -15.28 -23.51 -4.08
CA GLY A 90 -16.68 -23.09 -4.01
C GLY A 90 -17.62 -24.22 -4.35
N ALA A 91 -17.26 -24.99 -5.36
CA ALA A 91 -18.00 -26.14 -5.82
C ALA A 91 -18.02 -27.25 -4.76
N GLN A 92 -17.01 -27.29 -3.93
CA GLN A 92 -16.96 -28.24 -2.82
C GLN A 92 -17.94 -27.80 -1.74
N TYR A 93 -18.12 -26.49 -1.53
CA TYR A 93 -19.09 -26.02 -0.56
C TYR A 93 -20.50 -25.92 -1.12
N LYS A 94 -20.68 -25.90 -2.45
CA LYS A 94 -22.04 -25.79 -2.99
C LYS A 94 -23.05 -26.76 -2.41
N PRO A 95 -22.80 -28.06 -2.36
CA PRO A 95 -23.73 -29.02 -1.76
C PRO A 95 -24.00 -28.74 -0.29
N ILE A 96 -23.02 -28.28 0.48
CA ILE A 96 -23.25 -27.92 1.89
C ILE A 96 -24.20 -26.75 2.05
N TYR A 97 -24.03 -25.68 1.28
CA TYR A 97 -25.00 -24.58 1.34
C TYR A 97 -26.40 -25.04 0.95
N LEU A 98 -26.51 -25.97 0.00
CA LEU A 98 -27.83 -26.45 -0.42
C LEU A 98 -28.52 -27.24 0.69
N GLN A 99 -27.75 -28.12 1.32
CA GLN A 99 -28.30 -28.99 2.36
C GLN A 99 -28.62 -28.19 3.62
N LEU A 100 -27.86 -27.13 3.84
CA LEU A 100 -28.08 -26.23 4.96
C LEU A 100 -28.98 -25.08 4.54
N GLN A 101 -29.56 -25.18 3.36
CA GLN A 101 -30.52 -24.23 2.84
C GLN A 101 -30.12 -22.77 2.96
N ARG A 102 -28.91 -22.40 2.49
CA ARG A 102 -28.48 -20.99 2.57
C ARG A 102 -28.07 -20.46 1.19
N ASN A 103 -28.54 -19.27 0.83
CA ASN A 103 -28.18 -18.62 -0.43
C ASN A 103 -26.66 -18.37 -0.40
N ALA A 104 -26.04 -18.31 -1.60
CA ALA A 104 -24.60 -18.08 -1.64
C ALA A 104 -24.11 -17.32 -2.89
N ILE A 105 -23.06 -16.52 -2.67
CA ILE A 105 -22.44 -15.73 -3.75
C ILE A 105 -21.07 -16.35 -4.04
N PHE A 106 -20.78 -16.71 -5.30
CA PHE A 106 -19.45 -17.32 -5.54
C PHE A 106 -18.55 -16.41 -6.38
N GLN A 107 -17.25 -16.69 -6.40
CA GLN A 107 -16.31 -15.85 -7.13
C GLN A 107 -16.07 -16.36 -8.54
N GLY A 108 -15.55 -15.53 -9.43
CA GLY A 108 -15.36 -15.85 -10.81
C GLY A 108 -14.53 -17.01 -11.25
N GLY A 109 -13.74 -17.59 -10.38
CA GLY A 109 -12.84 -18.70 -10.61
C GLY A 109 -13.60 -20.03 -10.64
N GLU A 110 -14.83 -19.99 -10.17
CA GLU A 110 -15.70 -21.16 -10.19
C GLU A 110 -16.32 -21.36 -11.57
N LYS A 111 -16.76 -22.57 -11.84
CA LYS A 111 -17.48 -22.83 -13.09
C LYS A 111 -18.85 -22.18 -13.06
N ALA A 112 -19.40 -21.75 -14.20
CA ALA A 112 -20.70 -21.09 -14.21
C ALA A 112 -21.80 -21.97 -13.62
N GLU A 113 -21.69 -23.30 -13.78
CA GLU A 113 -22.68 -24.20 -13.21
C GLU A 113 -22.76 -24.20 -11.69
N VAL A 114 -21.81 -23.65 -10.94
CA VAL A 114 -21.90 -23.65 -9.48
C VAL A 114 -23.06 -22.79 -9.00
N ALA A 115 -23.48 -21.83 -9.79
CA ALA A 115 -24.54 -20.89 -9.49
C ALA A 115 -25.75 -21.03 -10.42
N ASP A 116 -26.76 -20.22 -10.15
CA ASP A 116 -27.95 -20.14 -10.97
C ASP A 116 -27.79 -18.99 -11.97
N ILE A 117 -26.79 -18.15 -11.77
CA ILE A 117 -26.56 -17.07 -12.74
C ILE A 117 -25.18 -16.44 -12.47
N SER A 118 -24.60 -15.82 -13.48
CA SER A 118 -23.35 -15.06 -13.22
C SER A 118 -23.80 -13.60 -13.19
N PHE A 119 -22.99 -12.73 -12.59
CA PHE A 119 -23.43 -11.37 -12.30
C PHE A 119 -22.36 -10.32 -12.43
N SER A 120 -22.77 -9.12 -12.77
CA SER A 120 -22.05 -7.89 -12.69
C SER A 120 -23.11 -6.80 -12.50
N ALA A 121 -23.06 -6.00 -11.46
CA ALA A 121 -24.11 -5.06 -11.12
C ALA A 121 -24.47 -4.04 -12.16
N LEU A 122 -23.53 -3.51 -12.92
CA LEU A 122 -23.80 -2.59 -13.99
C LEU A 122 -24.49 -3.27 -15.16
N CYS A 123 -24.65 -4.60 -15.20
CA CYS A 123 -25.27 -5.20 -16.35
C CYS A 123 -26.56 -6.00 -16.09
N ASN A 124 -26.63 -6.87 -15.10
CA ASN A 124 -27.80 -7.74 -14.99
C ASN A 124 -28.27 -8.00 -13.58
N TYR A 125 -28.24 -6.98 -12.74
CA TYR A 125 -28.76 -7.13 -11.37
C TYR A 125 -30.23 -7.59 -11.42
N ASN A 126 -31.02 -6.95 -12.28
CA ASN A 126 -32.43 -7.32 -12.41
C ASN A 126 -32.61 -8.78 -12.75
N GLU A 127 -31.74 -9.35 -13.64
CA GLU A 127 -31.86 -10.75 -13.95
C GLU A 127 -31.48 -11.65 -12.81
N ALA A 128 -30.63 -11.20 -11.88
CA ALA A 128 -30.17 -12.02 -10.78
C ALA A 128 -31.05 -11.87 -9.52
N LEU A 129 -32.02 -11.01 -9.54
CA LEU A 129 -32.90 -10.81 -8.36
C LEU A 129 -33.52 -12.12 -7.93
N GLY A 130 -33.35 -12.50 -6.67
CA GLY A 130 -33.97 -13.76 -6.21
C GLY A 130 -33.18 -15.00 -6.46
N LYS A 131 -32.07 -14.93 -7.23
CA LYS A 131 -31.30 -16.16 -7.44
C LYS A 131 -30.65 -16.55 -6.14
N LYS A 132 -30.78 -17.83 -5.77
CA LYS A 132 -30.19 -18.24 -4.50
C LYS A 132 -28.69 -18.37 -4.57
N TYR A 133 -28.17 -18.68 -5.77
CA TYR A 133 -26.74 -18.91 -6.01
C TYR A 133 -26.29 -18.07 -7.18
N ILE A 134 -25.40 -17.13 -6.94
CA ILE A 134 -24.97 -16.13 -7.93
C ILE A 134 -23.45 -16.20 -8.09
N ARG A 135 -22.95 -16.22 -9.34
CA ARG A 135 -21.50 -16.25 -9.50
C ARG A 135 -21.04 -14.86 -9.90
N VAL A 136 -20.33 -14.16 -9.03
CA VAL A 136 -19.79 -12.86 -9.43
C VAL A 136 -18.61 -13.18 -10.38
N VAL A 137 -18.59 -12.65 -11.59
CA VAL A 137 -17.54 -12.97 -12.55
C VAL A 137 -16.15 -12.55 -12.02
N SER A 138 -15.10 -13.03 -12.69
CA SER A 138 -13.74 -12.75 -12.23
C SER A 138 -13.43 -11.29 -12.30
N CYS A 139 -12.27 -10.88 -11.75
CA CYS A 139 -11.83 -9.51 -11.76
C CYS A 139 -11.73 -8.92 -13.18
N ASN A 140 -11.08 -9.66 -14.11
CA ASN A 140 -10.95 -9.06 -15.46
C ASN A 140 -12.25 -9.20 -16.22
N THR A 141 -13.08 -10.21 -15.89
CA THR A 141 -14.37 -10.29 -16.61
C THR A 141 -15.24 -9.11 -16.19
N THR A 142 -15.18 -8.81 -14.87
CA THR A 142 -15.93 -7.66 -14.36
C THR A 142 -15.56 -6.38 -15.05
N ALA A 143 -14.23 -6.13 -15.23
CA ALA A 143 -13.81 -4.86 -15.83
C ALA A 143 -14.29 -4.79 -17.28
N LEU A 144 -14.29 -5.91 -17.98
CA LEU A 144 -14.80 -5.92 -19.38
C LEU A 144 -16.31 -5.62 -19.41
N LEU A 145 -17.09 -6.25 -18.52
CA LEU A 145 -18.53 -6.01 -18.45
C LEU A 145 -18.91 -4.59 -18.09
N ARG A 146 -18.23 -3.98 -17.12
CA ARG A 146 -18.56 -2.59 -16.78
C ARG A 146 -18.31 -1.70 -17.99
N THR A 147 -17.18 -1.93 -18.68
CA THR A 147 -16.87 -1.09 -19.83
C THR A 147 -17.87 -1.34 -20.97
N ILE A 148 -18.18 -2.56 -21.29
CA ILE A 148 -19.13 -2.90 -22.36
C ILE A 148 -20.57 -2.46 -22.06
N CYS A 149 -21.09 -2.73 -20.86
CA CYS A 149 -22.47 -2.26 -20.54
C CYS A 149 -22.57 -0.77 -20.46
N THR A 150 -21.52 -0.04 -20.08
CA THR A 150 -21.51 1.41 -20.15
C THR A 150 -21.42 1.94 -21.58
N VAL A 151 -20.54 1.43 -22.43
CA VAL A 151 -20.36 1.94 -23.79
C VAL A 151 -21.63 1.72 -24.62
N ASN A 152 -22.30 0.62 -24.38
CA ASN A 152 -23.53 0.14 -24.95
C ASN A 152 -24.65 1.16 -24.83
N LYS A 153 -24.61 2.05 -23.85
CA LYS A 153 -25.54 3.15 -23.76
C LYS A 153 -25.36 4.17 -24.88
N VAL A 154 -24.17 4.28 -25.44
CA VAL A 154 -23.91 5.24 -26.51
C VAL A 154 -24.31 4.62 -27.85
N SER A 155 -24.00 3.33 -28.01
CA SER A 155 -24.35 2.60 -29.21
C SER A 155 -24.13 1.12 -28.95
N LYS A 156 -25.02 0.29 -29.49
CA LYS A 156 -24.96 -1.12 -29.19
C LYS A 156 -23.58 -1.72 -29.48
N VAL A 157 -23.00 -2.45 -28.54
CA VAL A 157 -21.72 -3.11 -28.75
C VAL A 157 -21.97 -4.38 -29.55
N GLU A 158 -21.38 -4.39 -30.73
CA GLU A 158 -21.60 -5.52 -31.64
C GLU A 158 -20.46 -6.51 -31.59
N LYS A 159 -19.27 -6.01 -31.24
CA LYS A 159 -18.11 -6.89 -31.19
C LYS A 159 -16.98 -6.38 -30.28
N VAL A 160 -16.35 -7.33 -29.56
CA VAL A 160 -15.25 -7.00 -28.67
C VAL A 160 -14.07 -7.93 -28.97
N ARG A 161 -12.89 -7.31 -29.08
CA ARG A 161 -11.65 -8.08 -29.17
C ARG A 161 -10.74 -7.46 -28.09
N ALA A 162 -10.19 -8.30 -27.19
CA ALA A 162 -9.41 -7.72 -26.13
C ALA A 162 -8.18 -8.61 -25.82
N THR A 163 -7.16 -7.90 -25.43
CA THR A 163 -5.95 -8.52 -24.90
C THR A 163 -5.77 -8.08 -23.43
N ILE A 164 -5.61 -9.08 -22.60
CA ILE A 164 -5.45 -8.94 -21.16
C ILE A 164 -4.04 -9.30 -20.68
N VAL A 165 -3.37 -8.30 -20.11
CA VAL A 165 -2.06 -8.51 -19.50
C VAL A 165 -2.26 -8.74 -17.99
N ARG A 166 -2.12 -9.96 -17.53
CA ARG A 166 -2.40 -10.24 -16.10
C ARG A 166 -1.18 -10.08 -15.21
N ARG A 167 -1.39 -9.49 -14.04
CA ARG A 167 -0.31 -9.48 -13.02
C ARG A 167 -0.12 -10.92 -12.59
N ALA A 168 1.09 -11.38 -12.32
CA ALA A 168 1.41 -12.74 -11.97
C ALA A 168 0.79 -13.23 -10.66
N ALA A 169 0.96 -12.45 -9.61
CA ALA A 169 0.51 -12.84 -8.27
C ALA A 169 0.39 -11.58 -7.41
N ASP A 170 -0.47 -11.62 -6.38
CA ASP A 170 -0.56 -10.39 -5.57
C ASP A 170 0.75 -10.20 -4.81
N GLN A 171 0.94 -8.97 -4.38
CA GLN A 171 2.11 -8.52 -3.69
C GLN A 171 2.45 -9.30 -2.42
N LYS A 172 1.46 -9.79 -1.70
CA LYS A 172 1.78 -10.58 -0.49
C LYS A 172 2.29 -11.96 -0.84
N GLU A 173 2.00 -12.48 -2.02
CA GLU A 173 2.44 -13.84 -2.37
C GLU A 173 3.92 -13.80 -2.65
N VAL A 174 4.73 -14.61 -1.97
CA VAL A 174 6.18 -14.59 -2.21
C VAL A 174 6.60 -15.94 -2.81
N LYS A 175 5.65 -16.87 -2.99
CA LYS A 175 6.07 -18.15 -3.58
C LYS A 175 5.64 -18.31 -5.03
N LYS A 176 5.20 -17.27 -5.71
CA LYS A 176 4.71 -17.46 -7.08
C LYS A 176 5.49 -16.62 -8.07
N GLY A 177 5.65 -17.14 -9.29
CA GLY A 177 6.36 -16.35 -10.31
C GLY A 177 5.28 -16.05 -11.39
N PRO A 178 5.78 -15.70 -12.54
CA PRO A 178 7.20 -15.63 -12.79
C PRO A 178 7.88 -14.34 -12.40
N ILE A 179 9.19 -14.48 -12.09
CA ILE A 179 10.06 -13.39 -11.73
C ILE A 179 10.39 -12.54 -12.98
N ASN A 180 10.66 -13.27 -14.07
CA ASN A 180 11.09 -12.52 -15.27
C ASN A 180 10.74 -13.31 -16.52
N SER A 181 9.47 -13.33 -16.89
CA SER A 181 9.03 -14.03 -18.11
C SER A 181 7.68 -13.42 -18.49
N LEU A 182 7.32 -13.65 -19.75
CA LEU A 182 5.95 -13.41 -20.17
C LEU A 182 5.41 -14.81 -20.35
N VAL A 183 4.19 -15.09 -19.91
CA VAL A 183 3.70 -16.47 -19.93
C VAL A 183 2.29 -16.51 -20.56
N PRO A 184 2.15 -16.96 -21.78
CA PRO A 184 0.83 -17.08 -22.39
C PRO A 184 -0.13 -17.66 -21.37
N ASP A 185 -1.33 -17.04 -21.22
CA ASP A 185 -2.22 -17.57 -20.17
C ASP A 185 -3.68 -17.62 -20.56
N PRO A 186 -4.04 -18.60 -21.36
CA PRO A 186 -3.16 -19.61 -21.90
C PRO A 186 -2.67 -19.27 -23.30
N ALA A 187 -1.98 -20.23 -23.93
CA ALA A 187 -1.57 -19.96 -25.31
C ALA A 187 -2.72 -20.14 -26.29
N THR A 188 -3.80 -20.79 -25.92
CA THR A 188 -4.93 -21.00 -26.85
C THR A 188 -5.85 -19.81 -26.86
N VAL A 189 -6.58 -19.53 -27.92
CA VAL A 189 -7.46 -18.38 -28.02
C VAL A 189 -8.86 -18.95 -28.26
N PRO A 190 -9.87 -18.44 -27.58
CA PRO A 190 -9.76 -17.38 -26.62
C PRO A 190 -9.47 -17.81 -25.20
N SER A 191 -9.05 -16.84 -24.36
CA SER A 191 -8.92 -17.18 -22.92
C SER A 191 -10.35 -17.28 -22.36
N HIS A 192 -10.52 -17.66 -21.09
CA HIS A 192 -11.81 -17.91 -20.49
C HIS A 192 -12.66 -16.64 -20.36
N HIS A 193 -12.05 -15.46 -20.38
CA HIS A 193 -12.76 -14.22 -20.27
C HIS A 193 -13.95 -14.08 -21.20
N ALA A 194 -13.80 -14.50 -22.47
CA ALA A 194 -14.86 -14.31 -23.44
C ALA A 194 -16.12 -15.09 -23.07
N LYS A 195 -15.97 -16.35 -22.75
CA LYS A 195 -17.05 -17.17 -22.25
C LYS A 195 -17.65 -16.54 -20.98
N ASP A 196 -16.81 -16.07 -20.06
CA ASP A 196 -17.33 -15.46 -18.84
C ASP A 196 -18.12 -14.21 -19.14
N VAL A 197 -17.71 -13.36 -20.07
CA VAL A 197 -18.51 -12.20 -20.46
C VAL A 197 -19.88 -12.65 -21.02
N ASN A 198 -19.83 -13.69 -21.85
CA ASN A 198 -21.02 -14.27 -22.46
C ASN A 198 -21.96 -14.94 -21.46
N SER A 199 -21.51 -15.27 -20.26
CA SER A 199 -22.38 -15.81 -19.22
C SER A 199 -23.28 -14.69 -18.66
N VAL A 200 -22.95 -13.47 -19.02
CA VAL A 200 -23.57 -12.23 -18.60
C VAL A 200 -24.26 -11.53 -19.76
N ILE A 201 -23.55 -11.40 -20.88
CA ILE A 201 -24.13 -10.88 -22.13
C ILE A 201 -24.11 -12.00 -23.16
N ARG A 202 -25.20 -12.74 -23.27
CA ARG A 202 -25.28 -13.95 -24.04
C ARG A 202 -24.92 -13.92 -25.50
N ASN A 203 -25.31 -12.90 -26.27
CA ASN A 203 -24.99 -13.08 -27.71
C ASN A 203 -23.91 -12.17 -28.22
N LEU A 204 -23.04 -11.67 -27.35
CA LEU A 204 -22.02 -10.73 -27.79
C LEU A 204 -20.89 -11.49 -28.48
N ASP A 205 -20.46 -10.99 -29.61
CA ASP A 205 -19.33 -11.66 -30.32
C ASP A 205 -18.03 -11.10 -29.67
N ILE A 206 -17.43 -11.88 -28.81
CA ILE A 206 -16.23 -11.42 -28.07
C ILE A 206 -15.17 -12.52 -28.09
N ALA A 207 -13.91 -12.07 -28.28
CA ALA A 207 -12.81 -13.01 -28.21
C ALA A 207 -11.70 -12.33 -27.43
N THR A 208 -11.01 -13.08 -26.60
CA THR A 208 -9.98 -12.49 -25.75
C THR A 208 -8.73 -13.38 -25.72
N MET A 209 -7.60 -12.70 -25.57
CA MET A 209 -6.35 -13.45 -25.31
C MET A 209 -5.72 -12.90 -24.04
N ALA A 210 -4.97 -13.71 -23.31
CA ALA A 210 -4.37 -13.21 -22.08
C ALA A 210 -2.91 -13.76 -21.94
N VAL A 211 -2.13 -12.97 -21.23
CA VAL A 211 -0.75 -13.25 -20.94
C VAL A 211 -0.43 -12.77 -19.49
N ILE A 212 0.45 -13.46 -18.85
CA ILE A 212 0.98 -13.12 -17.51
C ILE A 212 2.30 -12.38 -17.65
N ALA A 213 2.40 -11.23 -17.01
CA ALA A 213 3.60 -10.42 -16.94
C ALA A 213 4.12 -10.51 -15.48
N PRO A 214 5.39 -10.21 -15.26
CA PRO A 214 6.00 -10.28 -13.94
C PRO A 214 5.81 -9.02 -13.10
N THR A 215 4.54 -8.67 -12.87
CA THR A 215 4.15 -7.48 -12.13
C THR A 215 3.21 -7.88 -10.99
N THR A 216 3.10 -7.16 -9.87
CA THR A 216 2.19 -7.62 -8.82
C THR A 216 0.98 -6.68 -8.62
N LEU A 217 1.03 -5.50 -9.17
CA LEU A 217 0.07 -4.47 -8.77
C LEU A 217 -1.30 -4.55 -9.40
N MET A 218 -1.39 -4.61 -10.72
CA MET A 218 -2.66 -4.48 -11.45
C MET A 218 -2.53 -5.19 -12.80
N HIS A 219 -3.68 -5.57 -13.32
CA HIS A 219 -3.79 -6.05 -14.68
C HIS A 219 -3.99 -4.85 -15.60
N MET A 220 -3.85 -5.09 -16.90
CA MET A 220 -4.19 -4.13 -17.90
C MET A 220 -4.93 -4.79 -19.07
N HIS A 221 -5.90 -4.02 -19.61
CA HIS A 221 -6.63 -4.49 -20.78
C HIS A 221 -6.42 -3.56 -21.99
N PHE A 222 -6.43 -4.20 -23.17
CA PHE A 222 -6.25 -3.38 -24.39
C PHE A 222 -7.38 -3.79 -25.33
N ILE A 223 -8.31 -2.87 -25.58
CA ILE A 223 -9.54 -3.37 -26.18
C ILE A 223 -9.99 -2.63 -27.44
N ASN A 224 -10.70 -3.44 -28.22
CA ASN A 224 -11.20 -2.95 -29.51
C ASN A 224 -12.69 -3.33 -29.56
N ILE A 225 -13.50 -2.26 -29.61
CA ILE A 225 -14.95 -2.48 -29.62
C ILE A 225 -15.51 -2.04 -30.98
N THR A 226 -16.45 -2.85 -31.51
CA THR A 226 -17.11 -2.43 -32.75
C THR A 226 -18.58 -2.15 -32.40
N LEU A 227 -19.03 -0.94 -32.65
CA LEU A 227 -20.38 -0.51 -32.32
C LEU A 227 -21.33 -0.63 -33.51
N LYS A 228 -22.63 -0.59 -33.22
CA LYS A 228 -23.62 -0.76 -34.30
C LYS A 228 -23.62 0.44 -35.21
N ASP A 229 -23.53 1.61 -34.58
CA ASP A 229 -23.56 2.89 -35.25
C ASP A 229 -22.26 3.67 -35.11
N LYS A 230 -22.07 4.65 -35.99
CA LYS A 230 -20.90 5.52 -35.91
C LYS A 230 -21.17 6.50 -34.79
N VAL A 231 -20.19 6.80 -33.95
CA VAL A 231 -20.43 7.69 -32.81
C VAL A 231 -19.37 8.78 -32.75
N GLU A 232 -19.60 9.69 -31.81
CA GLU A 232 -18.62 10.76 -31.55
C GLU A 232 -17.82 10.45 -30.30
N LYS A 233 -16.52 10.75 -30.31
CA LYS A 233 -15.69 10.53 -29.15
C LYS A 233 -16.27 11.19 -27.90
N LYS A 234 -16.70 12.44 -28.03
CA LYS A 234 -17.31 13.19 -26.96
C LYS A 234 -18.43 12.41 -26.28
N ASP A 235 -19.20 11.63 -27.00
CA ASP A 235 -20.25 10.82 -26.35
C ASP A 235 -19.69 9.62 -25.61
N ILE A 236 -18.63 9.00 -26.13
CA ILE A 236 -18.01 7.87 -25.42
C ILE A 236 -17.35 8.34 -24.13
N LEU A 237 -16.66 9.48 -24.29
CA LEU A 237 -15.93 10.12 -23.24
C LEU A 237 -16.89 10.57 -22.15
N SER A 238 -18.02 11.14 -22.59
CA SER A 238 -18.99 11.59 -21.58
C SER A 238 -19.57 10.45 -20.81
N VAL A 239 -19.86 9.27 -21.36
CA VAL A 239 -20.39 8.24 -20.47
C VAL A 239 -19.25 7.70 -19.58
N LEU A 240 -18.06 7.58 -20.17
CA LEU A 240 -16.95 7.01 -19.40
C LEU A 240 -16.57 7.91 -18.24
N GLU A 241 -16.79 9.22 -18.35
CA GLU A 241 -16.52 10.19 -17.33
C GLU A 241 -17.60 10.34 -16.28
N ASN A 242 -18.74 9.68 -16.41
CA ASN A 242 -19.88 9.83 -15.51
C ASN A 242 -20.49 8.54 -15.07
N THR A 243 -19.66 7.53 -14.78
CA THR A 243 -20.19 6.23 -14.37
C THR A 243 -19.42 5.73 -13.17
N PRO A 244 -20.04 5.64 -12.01
CA PRO A 244 -19.41 4.98 -10.88
C PRO A 244 -18.93 3.58 -11.21
N ARG A 245 -17.69 3.32 -10.74
CA ARG A 245 -17.03 2.04 -10.90
C ARG A 245 -16.08 2.03 -12.12
N ILE A 246 -16.04 3.19 -12.75
CA ILE A 246 -15.14 3.49 -13.85
C ILE A 246 -14.52 4.84 -13.55
N VAL A 247 -13.20 4.95 -13.57
CA VAL A 247 -12.57 6.27 -13.42
C VAL A 247 -11.69 6.54 -14.65
N LEU A 248 -11.35 7.78 -14.88
CA LEU A 248 -10.52 8.17 -16.00
C LEU A 248 -9.16 8.60 -15.42
N ILE A 249 -8.11 8.28 -16.15
CA ILE A 249 -6.73 8.66 -15.77
C ILE A 249 -6.20 9.58 -16.88
N SER A 250 -5.97 10.82 -16.59
CA SER A 250 -5.45 11.81 -17.52
C SER A 250 -3.94 11.67 -17.66
N SER A 251 -3.34 12.49 -18.52
CA SER A 251 -1.86 12.48 -18.63
C SER A 251 -1.34 13.81 -18.09
N LYS A 252 -2.12 14.48 -17.25
CA LYS A 252 -1.77 15.79 -16.73
C LYS A 252 -0.78 15.77 -15.59
N TYR A 253 -0.90 14.75 -14.73
CA TYR A 253 -0.07 14.73 -13.52
C TYR A 253 0.96 13.65 -13.50
N ASP A 254 1.43 13.20 -14.67
CA ASP A 254 2.52 12.20 -14.64
C ASP A 254 2.15 10.98 -13.82
N ALA A 255 0.95 10.40 -13.99
CA ALA A 255 0.62 9.22 -13.19
C ALA A 255 0.21 8.02 -14.05
N GLU A 256 0.57 7.95 -15.33
CA GLU A 256 0.16 6.87 -16.20
C GLU A 256 1.06 5.64 -16.21
N ALA A 257 1.02 4.93 -15.11
CA ALA A 257 1.82 3.73 -14.82
C ALA A 257 1.10 3.04 -13.67
N THR A 258 0.89 1.74 -13.70
CA THR A 258 0.11 1.11 -12.61
C THR A 258 0.72 1.38 -11.24
N ALA A 259 2.07 1.42 -11.11
CA ALA A 259 2.72 1.75 -9.85
C ALA A 259 2.42 3.16 -9.38
N GLU A 260 2.30 4.14 -10.27
CA GLU A 260 1.93 5.50 -9.91
C GLU A 260 0.48 5.60 -9.50
N LEU A 261 -0.37 4.73 -10.07
CA LEU A 261 -1.78 4.67 -9.66
C LEU A 261 -1.87 4.08 -8.26
N VAL A 262 -1.06 3.06 -7.94
CA VAL A 262 -1.06 2.52 -6.56
C VAL A 262 -0.65 3.66 -5.61
N GLU A 263 0.36 4.41 -6.01
CA GLU A 263 0.79 5.56 -5.27
C GLU A 263 -0.34 6.58 -5.07
N VAL A 264 -1.06 6.95 -6.10
CA VAL A 264 -2.19 7.87 -5.97
C VAL A 264 -3.13 7.41 -4.85
N ALA A 265 -3.43 6.12 -4.83
CA ALA A 265 -4.32 5.56 -3.85
C ALA A 265 -3.79 5.65 -2.42
N ARG A 266 -2.49 5.41 -2.25
CA ARG A 266 -1.81 5.54 -0.99
C ARG A 266 -1.95 7.00 -0.50
N ASP A 267 -1.64 7.98 -1.31
CA ASP A 267 -1.71 9.37 -0.93
C ASP A 267 -3.13 9.92 -0.76
N LEU A 268 -4.10 9.30 -1.40
CA LEU A 268 -5.51 9.65 -1.24
C LEU A 268 -6.05 8.96 0.02
N LYS A 269 -5.24 8.10 0.63
CA LYS A 269 -5.56 7.38 1.84
C LYS A 269 -6.74 6.45 1.66
N ARG A 270 -6.83 5.76 0.49
CA ARG A 270 -7.88 4.79 0.26
C ARG A 270 -7.54 3.55 1.08
N ASP A 271 -8.55 2.85 1.57
CA ASP A 271 -8.34 1.69 2.44
C ASP A 271 -7.54 0.60 1.76
N ARG A 272 -6.41 0.19 2.31
CA ARG A 272 -5.56 -0.82 1.72
C ARG A 272 -4.99 -0.39 0.37
N ASN A 273 -4.99 0.87 0.00
CA ASN A 273 -4.59 1.37 -1.29
C ASN A 273 -5.50 0.77 -2.38
N ASP A 274 -6.72 0.34 -2.11
CA ASP A 274 -7.61 -0.24 -3.08
C ASP A 274 -8.15 0.74 -4.10
N ILE A 275 -8.22 0.29 -5.37
CA ILE A 275 -8.86 1.09 -6.41
C ILE A 275 -9.82 0.14 -7.13
N PRO A 276 -11.06 0.06 -6.65
CA PRO A 276 -12.02 -0.88 -7.17
C PRO A 276 -12.61 -0.51 -8.53
N GLU A 277 -12.42 0.70 -8.99
CA GLU A 277 -12.93 1.19 -10.24
C GLU A 277 -12.07 0.76 -11.45
N VAL A 278 -12.70 0.66 -12.61
CA VAL A 278 -11.92 0.40 -13.87
C VAL A 278 -11.19 1.67 -14.20
N MET A 279 -9.86 1.64 -14.42
CA MET A 279 -9.07 2.82 -14.63
C MET A 279 -8.76 3.05 -16.11
N ILE A 280 -9.59 3.82 -16.81
CA ILE A 280 -9.41 4.01 -18.25
C ILE A 280 -8.47 5.17 -18.52
N PHE A 281 -7.44 4.90 -19.33
CA PHE A 281 -6.50 5.94 -19.74
C PHE A 281 -7.14 6.83 -20.78
N SER A 282 -7.49 8.05 -20.37
CA SER A 282 -8.23 8.98 -21.21
C SER A 282 -7.54 9.40 -22.50
N ASP A 283 -6.23 9.38 -22.58
CA ASP A 283 -5.54 9.62 -23.84
C ASP A 283 -5.61 8.39 -24.74
N SER A 284 -5.99 7.23 -24.21
CA SER A 284 -6.12 6.01 -24.94
C SER A 284 -7.46 5.95 -25.80
N ILE A 285 -8.48 6.64 -25.34
CA ILE A 285 -9.78 6.61 -25.94
C ILE A 285 -9.76 7.07 -27.38
N TYR A 286 -9.85 6.08 -28.25
CA TYR A 286 -9.84 6.30 -29.71
C TYR A 286 -11.17 5.93 -30.35
N VAL A 287 -11.88 6.93 -30.87
CA VAL A 287 -13.17 6.74 -31.49
C VAL A 287 -13.11 7.20 -32.95
N LYS A 288 -13.37 6.25 -33.84
CA LYS A 288 -13.47 6.54 -35.26
C LYS A 288 -14.64 5.79 -35.89
N ASP A 289 -15.70 6.54 -36.18
CA ASP A 289 -16.88 5.89 -36.75
C ASP A 289 -17.40 4.82 -35.78
N ASP A 290 -17.43 3.56 -36.19
CA ASP A 290 -17.95 2.49 -35.37
C ASP A 290 -16.86 1.74 -34.60
N GLU A 291 -15.62 2.22 -34.68
CA GLU A 291 -14.54 1.57 -33.96
C GLU A 291 -14.09 2.37 -32.75
N VAL A 292 -14.04 1.69 -31.60
CA VAL A 292 -13.53 2.30 -30.40
C VAL A 292 -12.31 1.47 -29.90
N MET A 293 -11.24 2.16 -29.57
CA MET A 293 -10.10 1.48 -28.97
C MET A 293 -9.76 2.22 -27.67
N LEU A 294 -9.33 1.51 -26.64
CA LEU A 294 -8.87 2.14 -25.40
C LEU A 294 -8.12 1.13 -24.53
N MET A 295 -7.45 1.59 -23.48
CA MET A 295 -6.79 0.65 -22.57
C MET A 295 -7.10 1.06 -21.13
N TYR A 296 -7.07 0.10 -20.23
CA TYR A 296 -7.39 0.42 -18.84
C TYR A 296 -6.65 -0.50 -17.89
N ALA A 297 -6.50 -0.01 -16.64
CA ALA A 297 -5.94 -0.84 -15.59
C ALA A 297 -7.02 -1.45 -14.72
N VAL A 298 -6.77 -2.60 -14.10
CA VAL A 298 -7.72 -3.24 -13.20
C VAL A 298 -7.02 -3.62 -11.89
N HIS A 299 -7.48 -3.10 -10.76
CA HIS A 299 -6.92 -3.50 -9.47
C HIS A 299 -7.61 -4.75 -9.01
N GLN A 300 -6.94 -5.89 -9.19
CA GLN A 300 -7.56 -7.18 -8.99
C GLN A 300 -7.87 -7.47 -7.52
N GLU A 301 -7.17 -6.83 -6.60
CA GLU A 301 -7.51 -7.16 -5.20
C GLU A 301 -8.90 -6.63 -4.78
N SER A 302 -9.39 -5.62 -5.44
CA SER A 302 -10.63 -4.97 -5.00
C SER A 302 -11.76 -4.81 -5.98
N ILE A 303 -11.58 -4.91 -7.28
CA ILE A 303 -12.66 -4.64 -8.21
C ILE A 303 -13.95 -5.39 -7.94
N VAL A 304 -13.91 -6.63 -7.45
CA VAL A 304 -15.15 -7.37 -7.23
C VAL A 304 -15.80 -7.11 -5.87
N VAL A 305 -15.17 -6.39 -4.98
CA VAL A 305 -15.77 -6.12 -3.67
C VAL A 305 -17.13 -5.49 -3.73
N PRO A 306 -17.37 -4.34 -4.37
CA PRO A 306 -18.68 -3.76 -4.50
C PRO A 306 -19.66 -4.66 -5.21
N GLU A 307 -19.23 -5.45 -6.20
CA GLU A 307 -20.04 -6.41 -6.89
C GLU A 307 -20.61 -7.47 -5.97
N ASN A 308 -19.82 -7.94 -5.01
CA ASN A 308 -20.30 -8.95 -4.06
C ASN A 308 -21.38 -8.34 -3.14
N ILE A 309 -21.21 -7.05 -2.79
CA ILE A 309 -22.24 -6.42 -1.96
C ILE A 309 -23.56 -6.31 -2.70
N ASP A 310 -23.55 -5.89 -3.97
CA ASP A 310 -24.80 -5.84 -4.74
C ASP A 310 -25.41 -7.19 -4.96
N ALA A 311 -24.58 -8.22 -5.17
CA ALA A 311 -25.03 -9.55 -5.39
C ALA A 311 -25.85 -10.03 -4.17
N ILE A 312 -25.38 -9.69 -2.98
CA ILE A 312 -26.14 -10.05 -1.76
C ILE A 312 -27.54 -9.44 -1.88
N ARG A 313 -27.62 -8.17 -2.24
CA ARG A 313 -28.90 -7.49 -2.34
C ARG A 313 -29.78 -8.08 -3.41
N ALA A 314 -29.22 -8.47 -4.59
CA ALA A 314 -30.00 -9.10 -5.62
C ALA A 314 -30.58 -10.44 -5.18
N SER A 315 -29.71 -11.33 -4.73
CA SER A 315 -30.09 -12.65 -4.28
C SER A 315 -31.22 -12.58 -3.23
N MET A 316 -31.08 -11.67 -2.26
CA MET A 316 -32.05 -11.58 -1.16
C MET A 316 -33.18 -10.62 -1.46
N LYS A 317 -33.24 -10.08 -2.67
CA LYS A 317 -34.30 -9.19 -3.12
C LYS A 317 -34.49 -8.05 -2.12
N LEU A 318 -33.41 -7.40 -1.73
CA LEU A 318 -33.50 -6.34 -0.71
C LEU A 318 -33.97 -5.01 -1.22
N MET A 319 -33.67 -4.68 -2.49
CA MET A 319 -33.97 -3.38 -3.04
C MET A 319 -33.60 -3.32 -4.54
N SER A 320 -33.83 -2.19 -5.17
CA SER A 320 -33.65 -2.09 -6.61
C SER A 320 -32.14 -2.10 -6.93
N ALA A 321 -31.82 -2.25 -8.22
CA ALA A 321 -30.46 -2.22 -8.70
C ALA A 321 -29.82 -0.88 -8.35
N GLU A 322 -30.60 0.15 -8.65
CA GLU A 322 -30.18 1.51 -8.39
C GLU A 322 -30.01 1.83 -6.92
N ASP A 323 -30.98 1.45 -6.09
CA ASP A 323 -30.84 1.67 -4.65
C ASP A 323 -29.60 0.95 -4.09
N SER A 324 -29.42 -0.31 -4.41
CA SER A 324 -28.29 -1.10 -3.92
C SER A 324 -26.96 -0.47 -4.36
N MET A 325 -26.86 -0.17 -5.66
CA MET A 325 -25.57 0.41 -6.11
C MET A 325 -25.31 1.74 -5.46
N ARG A 326 -26.35 2.54 -5.16
CA ARG A 326 -26.10 3.82 -4.50
C ARG A 326 -25.54 3.60 -3.10
N ILE A 327 -26.04 2.66 -2.32
CA ILE A 327 -25.55 2.43 -0.96
C ILE A 327 -24.15 1.81 -0.99
N THR A 328 -23.99 0.81 -1.85
CA THR A 328 -22.68 0.18 -2.03
C THR A 328 -21.67 1.26 -2.40
N ASN A 329 -21.97 2.08 -3.40
CA ASN A 329 -21.10 3.13 -3.84
C ASN A 329 -20.74 4.16 -2.78
N GLU A 330 -21.77 4.71 -2.13
CA GLU A 330 -21.51 5.74 -1.14
C GLU A 330 -20.73 5.19 0.04
N SER A 331 -21.17 4.04 0.57
CA SER A 331 -20.53 3.51 1.75
C SER A 331 -19.08 3.08 1.50
N LEU A 332 -18.76 2.65 0.26
CA LEU A 332 -17.39 2.10 0.07
C LEU A 332 -16.48 3.12 -0.55
N GLY A 333 -17.01 4.31 -0.76
CA GLY A 333 -16.27 5.43 -1.34
C GLY A 333 -15.88 5.17 -2.79
N ILE A 334 -16.80 4.64 -3.57
CA ILE A 334 -16.54 4.34 -4.99
C ILE A 334 -16.55 5.63 -5.78
N LEU A 335 -15.65 5.77 -6.74
CA LEU A 335 -15.56 7.01 -7.51
C LEU A 335 -16.08 6.94 -8.92
N LYS A 336 -16.18 8.10 -9.56
CA LYS A 336 -16.46 8.20 -10.99
C LYS A 336 -15.64 9.41 -11.47
N GLY A 337 -15.62 9.71 -12.74
CA GLY A 337 -14.92 10.87 -13.27
C GLY A 337 -13.41 10.60 -13.29
N TYR A 338 -12.61 11.66 -13.24
CA TYR A 338 -11.17 11.55 -13.22
C TYR A 338 -10.65 11.18 -11.83
N LEU A 339 -9.79 10.15 -11.80
CA LEU A 339 -9.15 9.79 -10.54
C LEU A 339 -7.92 10.71 -10.39
N ILE A 340 -7.27 10.92 -11.52
CA ILE A 340 -6.02 11.68 -11.60
C ILE A 340 -5.75 11.99 -13.05
N MET B 1 4.84 28.34 19.55
CA MET B 1 4.32 27.56 18.39
C MET B 1 5.36 27.54 17.28
N VAL B 2 5.69 26.36 16.77
CA VAL B 2 6.70 26.35 15.67
C VAL B 2 5.98 26.18 14.33
N ASN B 3 6.09 27.11 13.44
CA ASN B 3 5.61 27.10 12.07
C ASN B 3 6.67 26.43 11.18
N VAL B 4 6.34 25.23 10.66
CA VAL B 4 7.39 24.49 9.93
C VAL B 4 7.16 24.52 8.43
N ALA B 5 8.25 24.66 7.68
CA ALA B 5 8.17 24.55 6.22
C ALA B 5 8.80 23.20 5.83
N VAL B 6 8.31 22.63 4.74
CA VAL B 6 8.89 21.42 4.19
C VAL B 6 9.33 21.74 2.75
N ASN B 7 10.64 21.60 2.53
CA ASN B 7 11.23 21.84 1.23
C ASN B 7 11.47 20.53 0.49
N GLY B 8 10.66 20.30 -0.57
CA GLY B 8 10.81 19.07 -1.35
C GLY B 8 9.72 18.06 -0.99
N TYR B 9 8.58 18.12 -1.68
CA TYR B 9 7.43 17.24 -1.38
C TYR B 9 7.44 15.96 -2.18
N GLY B 10 8.36 15.07 -1.83
CA GLY B 10 8.54 13.75 -2.38
C GLY B 10 8.18 12.69 -1.35
N THR B 11 8.75 11.49 -1.49
CA THR B 11 8.43 10.37 -0.60
C THR B 11 8.57 10.71 0.87
N ILE B 12 9.66 11.38 1.23
CA ILE B 12 9.92 11.69 2.64
C ILE B 12 9.19 13.01 3.00
N GLY B 13 9.28 13.99 2.12
CA GLY B 13 8.66 15.28 2.27
C GLY B 13 7.17 15.16 2.62
N LYS B 14 6.43 14.43 1.77
CA LYS B 14 5.00 14.26 1.99
C LYS B 14 4.76 13.63 3.35
N ARG B 15 5.54 12.65 3.77
CA ARG B 15 5.31 12.02 5.06
C ARG B 15 5.62 12.95 6.24
N VAL B 16 6.68 13.73 6.16
CA VAL B 16 7.04 14.63 7.25
C VAL B 16 5.96 15.71 7.41
N ALA B 17 5.43 16.19 6.30
CA ALA B 17 4.36 17.15 6.27
C ALA B 17 3.15 16.62 7.04
N ASP B 18 2.67 15.40 6.78
CA ASP B 18 1.60 14.79 7.53
C ASP B 18 2.00 14.57 8.99
N ALA B 19 3.28 14.28 9.27
CA ALA B 19 3.66 14.08 10.67
C ALA B 19 3.56 15.43 11.41
N ILE B 20 3.98 16.48 10.74
CA ILE B 20 3.99 17.83 11.29
C ILE B 20 2.55 18.21 11.66
N ILE B 21 1.64 18.12 10.69
CA ILE B 21 0.21 18.31 10.93
C ILE B 21 -0.30 17.57 12.17
N LYS B 22 0.04 16.35 12.50
CA LYS B 22 -0.41 15.67 13.70
C LYS B 22 0.27 16.15 14.98
N GLN B 23 1.25 17.02 14.90
CA GLN B 23 1.89 17.43 16.16
C GLN B 23 1.13 18.56 16.87
N PRO B 24 1.09 18.50 18.20
CA PRO B 24 0.39 19.47 19.01
C PRO B 24 1.10 20.81 19.14
N ASP B 25 2.41 20.88 19.03
CA ASP B 25 3.21 22.09 19.14
C ASP B 25 3.76 22.58 17.81
N MET B 26 3.29 22.03 16.67
CA MET B 26 3.78 22.48 15.37
C MET B 26 2.64 22.69 14.35
N LYS B 27 2.87 23.60 13.43
CA LYS B 27 1.98 23.85 12.32
C LYS B 27 2.76 23.78 10.99
N LEU B 28 2.08 23.22 9.97
CA LEU B 28 2.72 23.13 8.66
C LEU B 28 2.43 24.42 7.91
N VAL B 29 3.40 25.25 7.61
CA VAL B 29 3.08 26.46 6.81
C VAL B 29 2.70 26.08 5.39
N GLY B 30 3.53 25.17 4.84
CA GLY B 30 3.38 24.76 3.45
C GLY B 30 4.57 23.91 3.03
N VAL B 31 4.54 23.52 1.74
CA VAL B 31 5.57 22.64 1.18
C VAL B 31 6.03 23.21 -0.16
N ALA B 32 7.31 22.92 -0.44
CA ALA B 32 7.93 23.31 -1.69
C ALA B 32 8.10 22.13 -2.65
N LYS B 33 7.72 22.33 -3.90
CA LYS B 33 7.88 21.30 -4.91
C LYS B 33 8.17 21.98 -6.24
N THR B 34 8.85 21.30 -7.14
CA THR B 34 9.08 21.95 -8.45
C THR B 34 8.12 21.52 -9.52
N SER B 35 7.72 20.25 -9.56
CA SER B 35 6.78 19.85 -10.61
C SER B 35 5.38 19.61 -10.10
N PRO B 36 4.39 20.00 -10.90
CA PRO B 36 3.00 19.76 -10.53
C PRO B 36 2.60 18.34 -10.81
N ASN B 37 3.18 17.31 -10.21
CA ASN B 37 2.76 15.93 -10.54
C ASN B 37 1.54 15.58 -9.72
N TYR B 38 1.17 14.30 -9.65
CA TYR B 38 0.01 13.91 -8.88
C TYR B 38 0.23 14.08 -7.38
N GLU B 39 1.49 14.10 -6.91
CA GLU B 39 1.73 14.25 -5.47
C GLU B 39 1.29 15.64 -5.03
N ALA B 40 1.55 16.60 -5.87
CA ALA B 40 1.16 17.97 -5.72
C ALA B 40 -0.35 18.17 -5.86
N PHE B 41 -0.98 17.53 -6.84
CA PHE B 41 -2.44 17.68 -7.02
C PHE B 41 -3.14 17.24 -5.73
N ILE B 42 -2.78 16.05 -5.29
CA ILE B 42 -3.38 15.47 -4.09
C ILE B 42 -3.16 16.31 -2.86
N ALA B 43 -1.94 16.86 -2.71
CA ALA B 43 -1.61 17.73 -1.62
C ALA B 43 -2.56 18.95 -1.59
N HIS B 44 -2.75 19.58 -2.73
CA HIS B 44 -3.62 20.73 -2.83
C HIS B 44 -5.08 20.36 -2.53
N ARG B 45 -5.55 19.22 -3.01
CA ARG B 45 -6.89 18.74 -2.67
C ARG B 45 -7.01 18.55 -1.16
N ARG B 46 -5.92 18.21 -0.48
CA ARG B 46 -5.94 18.04 0.98
C ARG B 46 -5.79 19.37 1.70
N GLY B 47 -5.72 20.47 0.97
CA GLY B 47 -5.54 21.76 1.63
C GLY B 47 -4.12 22.08 2.05
N ILE B 48 -3.09 21.36 1.59
CA ILE B 48 -1.70 21.76 1.88
C ILE B 48 -1.31 22.81 0.86
N ARG B 49 -0.66 23.89 1.29
CA ARG B 49 -0.27 24.98 0.45
C ARG B 49 1.14 24.72 -0.14
N ILE B 50 1.20 25.03 -1.44
CA ILE B 50 2.34 24.72 -2.26
C ILE B 50 3.11 25.93 -2.78
N TYR B 51 4.37 25.90 -2.36
CA TYR B 51 5.31 26.98 -2.72
C TYR B 51 6.27 26.45 -3.78
N VAL B 52 6.62 27.27 -4.76
CA VAL B 52 7.38 26.88 -5.93
C VAL B 52 8.51 27.84 -6.28
N PRO B 53 9.62 27.31 -6.78
CA PRO B 53 10.70 28.17 -7.31
C PRO B 53 10.13 29.17 -8.28
N GLN B 54 10.49 30.43 -8.11
CA GLN B 54 9.97 31.53 -8.93
C GLN B 54 9.99 31.20 -10.40
N GLN B 55 11.12 30.68 -10.89
CA GLN B 55 11.27 30.30 -12.28
C GLN B 55 10.33 29.20 -12.73
N SER B 56 9.79 28.38 -11.83
CA SER B 56 8.86 27.34 -12.24
C SER B 56 7.40 27.74 -12.06
N ILE B 57 7.13 28.89 -11.46
CA ILE B 57 5.75 29.27 -11.21
C ILE B 57 4.91 29.24 -12.47
N LYS B 58 5.36 29.88 -13.53
CA LYS B 58 4.62 29.90 -14.79
C LYS B 58 4.26 28.48 -15.21
N LYS B 59 5.32 27.67 -15.37
CA LYS B 59 5.13 26.30 -15.79
C LYS B 59 4.18 25.56 -14.87
N PHE B 60 4.47 25.60 -13.57
CA PHE B 60 3.65 24.92 -12.58
C PHE B 60 2.20 25.37 -12.62
N GLU B 61 1.96 26.66 -12.79
CA GLU B 61 0.68 27.30 -12.80
C GLU B 61 -0.23 26.95 -13.97
N GLU B 62 0.32 26.36 -15.01
CA GLU B 62 -0.42 25.89 -16.17
C GLU B 62 -1.29 24.70 -15.82
N SER B 63 -0.91 23.92 -14.81
CA SER B 63 -1.69 22.74 -14.44
C SER B 63 -2.94 23.06 -13.65
N GLY B 64 -3.14 24.29 -13.22
CA GLY B 64 -4.29 24.65 -12.40
C GLY B 64 -4.05 24.59 -10.90
N ILE B 65 -3.01 23.92 -10.43
CA ILE B 65 -2.73 23.89 -8.99
C ILE B 65 -2.23 25.26 -8.57
N PRO B 66 -2.94 25.96 -7.69
CA PRO B 66 -2.57 27.28 -7.22
C PRO B 66 -1.27 27.27 -6.44
N VAL B 67 -0.50 28.34 -6.58
CA VAL B 67 0.79 28.47 -5.94
C VAL B 67 0.68 29.53 -4.84
N ALA B 68 1.10 29.16 -3.64
CA ALA B 68 0.93 30.14 -2.53
C ALA B 68 2.04 31.16 -2.58
N GLY B 69 3.17 30.81 -3.23
CA GLY B 69 4.29 31.77 -3.29
C GLY B 69 5.58 31.05 -3.67
N THR B 70 6.72 31.74 -3.57
CA THR B 70 7.99 31.15 -3.97
C THR B 70 8.60 30.33 -2.85
N VAL B 71 9.65 29.56 -3.18
CA VAL B 71 10.31 28.80 -2.10
C VAL B 71 10.93 29.76 -1.10
N GLU B 72 11.36 30.96 -1.48
CA GLU B 72 11.99 31.81 -0.41
C GLU B 72 10.86 32.35 0.46
N ASP B 73 9.71 32.58 -0.22
CA ASP B 73 8.51 33.01 0.48
C ASP B 73 8.27 32.03 1.63
N LEU B 74 8.26 30.74 1.34
CA LEU B 74 8.07 29.72 2.37
C LEU B 74 9.08 29.74 3.47
N ILE B 75 10.38 29.75 3.13
CA ILE B 75 11.43 29.77 4.15
C ILE B 75 11.34 31.03 5.04
N LYS B 76 11.11 32.18 4.46
CA LYS B 76 11.04 33.42 5.24
C LYS B 76 9.86 33.45 6.22
N THR B 77 8.75 32.83 5.82
CA THR B 77 7.51 32.88 6.61
C THR B 77 7.35 31.65 7.45
N SER B 78 8.43 30.94 7.70
CA SER B 78 8.40 29.78 8.61
C SER B 78 9.40 30.05 9.73
N ASP B 79 9.39 29.29 10.78
CA ASP B 79 10.39 29.39 11.84
C ASP B 79 11.52 28.35 11.66
N ILE B 80 11.28 27.30 10.88
CA ILE B 80 12.31 26.28 10.63
C ILE B 80 11.98 25.45 9.40
N VAL B 81 13.01 25.00 8.67
CA VAL B 81 12.77 24.26 7.43
C VAL B 81 13.19 22.81 7.52
N VAL B 82 12.26 21.89 7.24
CA VAL B 82 12.64 20.47 7.17
C VAL B 82 12.96 20.30 5.65
N ASP B 83 14.25 20.13 5.37
CA ASP B 83 14.64 20.04 3.94
C ASP B 83 14.64 18.57 3.51
N THR B 84 13.78 18.22 2.55
CA THR B 84 13.77 16.83 2.09
C THR B 84 13.99 16.80 0.58
N THR B 85 14.80 17.73 0.06
CA THR B 85 15.19 17.81 -1.32
C THR B 85 16.15 16.66 -1.71
N PRO B 86 16.32 16.44 -2.99
CA PRO B 86 17.16 15.35 -3.48
C PRO B 86 18.61 15.51 -3.02
N ASN B 87 19.31 14.40 -2.85
CA ASN B 87 20.72 14.36 -2.50
C ASN B 87 21.49 15.47 -3.20
N GLY B 88 22.18 16.33 -2.44
CA GLY B 88 22.89 17.43 -3.08
C GLY B 88 22.13 18.73 -3.16
N VAL B 89 20.80 18.74 -3.17
CA VAL B 89 20.05 19.99 -3.26
C VAL B 89 19.99 20.74 -1.93
N GLY B 90 20.08 20.03 -0.83
CA GLY B 90 20.07 20.60 0.50
C GLY B 90 21.24 21.59 0.63
N ALA B 91 22.44 21.13 0.21
CA ALA B 91 23.63 21.97 0.27
C ALA B 91 23.42 23.19 -0.59
N GLN B 92 22.66 23.07 -1.68
CA GLN B 92 22.36 24.21 -2.53
C GLN B 92 21.39 25.18 -1.84
N TYR B 93 20.49 24.64 -1.00
CA TYR B 93 19.57 25.51 -0.27
C TYR B 93 20.21 26.05 1.01
N LYS B 94 21.25 25.38 1.49
CA LYS B 94 21.95 25.77 2.72
C LYS B 94 22.30 27.23 2.82
N PRO B 95 22.88 27.83 1.80
CA PRO B 95 23.21 29.25 1.80
C PRO B 95 21.96 30.12 1.84
N ILE B 96 20.84 29.56 1.35
CA ILE B 96 19.59 30.33 1.37
C ILE B 96 19.07 30.45 2.77
N TYR B 97 19.04 29.37 3.53
CA TYR B 97 18.62 29.33 4.90
C TYR B 97 19.45 30.25 5.80
N LEU B 98 20.76 30.12 5.59
CA LEU B 98 21.72 30.97 6.28
C LEU B 98 21.34 32.43 6.12
N GLN B 99 21.26 32.91 4.90
CA GLN B 99 20.90 34.25 4.56
C GLN B 99 19.58 34.72 5.18
N LEU B 100 18.58 33.85 5.25
CA LEU B 100 17.30 34.24 5.83
C LEU B 100 17.22 33.96 7.31
N GLN B 101 18.31 33.41 7.86
CA GLN B 101 18.37 33.09 9.26
C GLN B 101 17.34 32.07 9.70
N ARG B 102 17.23 30.96 8.95
CA ARG B 102 16.37 29.87 9.37
C ARG B 102 17.12 28.61 9.77
N ASN B 103 16.82 28.06 10.93
CA ASN B 103 17.34 26.72 11.23
C ASN B 103 16.84 25.76 10.15
N ALA B 104 17.45 24.59 10.00
CA ALA B 104 16.95 23.65 8.98
C ALA B 104 17.41 22.25 9.28
N ILE B 105 16.54 21.28 8.97
CA ILE B 105 16.84 19.88 9.20
C ILE B 105 17.14 19.30 7.81
N PHE B 106 18.26 18.59 7.68
CA PHE B 106 18.62 18.06 6.35
C PHE B 106 18.50 16.55 6.31
N GLN B 107 18.39 15.96 5.11
CA GLN B 107 18.38 14.49 5.13
C GLN B 107 19.80 13.94 4.95
N GLY B 108 19.90 12.64 5.15
CA GLY B 108 21.03 11.80 5.21
C GLY B 108 21.91 11.50 4.03
N GLY B 109 21.52 11.92 2.86
CA GLY B 109 22.22 11.85 1.60
C GLY B 109 23.00 13.15 1.40
N GLU B 110 22.88 14.07 2.38
CA GLU B 110 23.67 15.30 2.27
C GLU B 110 25.06 15.03 2.89
N LYS B 111 26.02 15.85 2.51
CA LYS B 111 27.34 15.72 3.22
C LYS B 111 27.16 16.26 4.63
N ALA B 112 27.81 15.63 5.60
CA ALA B 112 27.75 15.99 7.01
C ALA B 112 28.01 17.46 7.25
N GLU B 113 28.90 18.07 6.45
CA GLU B 113 29.21 19.47 6.54
C GLU B 113 28.07 20.42 6.25
N VAL B 114 26.91 19.92 5.79
CA VAL B 114 25.78 20.79 5.53
C VAL B 114 25.16 21.22 6.87
N ALA B 115 25.25 20.38 7.88
CA ALA B 115 24.70 20.61 9.19
C ALA B 115 25.79 20.90 10.23
N ASP B 116 25.29 21.32 11.40
CA ASP B 116 26.25 21.55 12.51
C ASP B 116 26.37 20.26 13.27
N ILE B 117 25.50 19.28 13.12
CA ILE B 117 25.66 17.98 13.80
C ILE B 117 24.76 16.99 13.03
N SER B 118 25.03 15.71 13.14
CA SER B 118 24.24 14.64 12.55
C SER B 118 23.46 13.93 13.67
N PHE B 119 22.28 13.38 13.34
CA PHE B 119 21.35 12.94 14.34
C PHE B 119 20.57 11.66 14.21
N SER B 120 20.30 11.09 15.38
CA SER B 120 19.39 9.97 15.52
C SER B 120 18.80 10.10 16.93
N ALA B 121 17.51 10.31 17.07
CA ALA B 121 16.87 10.60 18.34
C ALA B 121 17.11 9.58 19.43
N LEU B 122 17.34 8.30 19.12
CA LEU B 122 17.62 7.38 20.20
C LEU B 122 19.10 7.43 20.63
N CYS B 123 19.92 8.24 19.98
CA CYS B 123 21.33 8.28 20.27
C CYS B 123 21.85 9.62 20.74
N ASN B 124 21.68 10.70 19.98
CA ASN B 124 22.31 11.95 20.42
C ASN B 124 21.38 13.15 20.41
N TYR B 125 20.14 12.95 20.88
CA TYR B 125 19.21 14.11 20.90
C TYR B 125 19.77 15.25 21.73
N ASN B 126 20.25 14.96 22.94
CA ASN B 126 20.80 16.01 23.83
C ASN B 126 21.95 16.73 23.22
N GLU B 127 22.84 16.04 22.49
CA GLU B 127 23.95 16.70 21.83
C GLU B 127 23.46 17.62 20.73
N ALA B 128 22.26 17.39 20.17
CA ALA B 128 21.75 18.24 19.10
C ALA B 128 21.01 19.47 19.62
N LEU B 129 20.67 19.46 20.92
CA LEU B 129 19.96 20.62 21.46
C LEU B 129 20.62 21.89 21.01
N GLY B 130 19.81 22.79 20.46
CA GLY B 130 20.25 24.08 19.98
C GLY B 130 20.93 24.18 18.67
N LYS B 131 21.35 23.07 18.06
CA LYS B 131 22.00 23.20 16.74
C LYS B 131 21.07 23.85 15.74
N LYS B 132 21.52 24.85 14.98
CA LYS B 132 20.67 25.53 14.04
C LYS B 132 20.45 24.70 12.78
N TYR B 133 21.47 23.88 12.49
CA TYR B 133 21.38 23.05 11.27
C TYR B 133 21.67 21.60 11.63
N ILE B 134 20.69 20.72 11.44
CA ILE B 134 20.85 19.33 11.81
C ILE B 134 20.62 18.37 10.61
N ARG B 135 21.55 17.44 10.46
CA ARG B 135 21.46 16.42 9.43
C ARG B 135 20.93 15.12 10.00
N VAL B 136 19.67 14.76 9.66
CA VAL B 136 19.12 13.47 10.10
C VAL B 136 19.81 12.36 9.31
N VAL B 137 20.25 11.27 9.94
CA VAL B 137 21.06 10.31 9.17
C VAL B 137 20.17 9.53 8.21
N SER B 138 20.78 8.99 7.16
CA SER B 138 20.01 8.30 6.12
C SER B 138 19.17 7.18 6.69
N CYS B 139 18.21 6.62 5.90
CA CYS B 139 17.39 5.54 6.41
C CYS B 139 18.11 4.35 6.99
N ASN B 140 19.12 3.81 6.28
CA ASN B 140 19.80 2.60 6.77
C ASN B 140 20.74 2.97 7.93
N THR B 141 21.31 4.15 7.92
CA THR B 141 22.13 4.56 9.08
C THR B 141 21.28 4.64 10.34
N THR B 142 20.08 5.22 10.16
CA THR B 142 19.15 5.36 11.27
C THR B 142 18.84 4.01 11.86
N ALA B 143 18.56 2.98 11.02
CA ALA B 143 18.24 1.69 11.56
C ALA B 143 19.42 1.10 12.33
N LEU B 144 20.63 1.30 11.81
CA LEU B 144 21.84 0.79 12.48
C LEU B 144 22.02 1.46 13.87
N LEU B 145 21.96 2.77 13.91
CA LEU B 145 22.02 3.57 15.12
C LEU B 145 20.96 3.21 16.14
N ARG B 146 19.70 3.01 15.75
CA ARG B 146 18.67 2.60 16.71
C ARG B 146 19.04 1.25 17.32
N THR B 147 19.42 0.28 16.50
CA THR B 147 19.77 -1.06 16.96
C THR B 147 20.98 -1.00 17.92
N ILE B 148 22.00 -0.26 17.57
CA ILE B 148 23.26 -0.20 18.31
C ILE B 148 23.03 0.46 19.67
N CYS B 149 22.58 1.71 19.63
CA CYS B 149 22.29 2.45 20.85
C CYS B 149 21.38 1.68 21.77
N THR B 150 20.39 0.94 21.28
CA THR B 150 19.56 0.09 22.11
C THR B 150 20.29 -1.15 22.63
N VAL B 151 21.16 -1.78 21.83
CA VAL B 151 21.86 -2.98 22.32
C VAL B 151 22.92 -2.58 23.35
N ASN B 152 23.44 -1.38 23.21
CA ASN B 152 24.47 -0.78 24.01
C ASN B 152 24.09 -0.62 25.48
N LYS B 153 22.80 -0.57 25.77
CA LYS B 153 22.28 -0.50 27.12
C LYS B 153 22.54 -1.81 27.86
N VAL B 154 22.60 -2.91 27.13
CA VAL B 154 22.86 -4.21 27.74
C VAL B 154 24.37 -4.36 27.93
N SER B 155 25.13 -3.86 26.96
CA SER B 155 26.58 -3.88 27.06
C SER B 155 27.24 -3.04 25.99
N LYS B 156 28.35 -2.42 26.38
CA LYS B 156 29.06 -1.55 25.43
C LYS B 156 29.29 -2.36 24.14
N VAL B 157 28.95 -1.69 23.04
CA VAL B 157 29.07 -2.28 21.71
C VAL B 157 30.47 -1.96 21.24
N GLU B 158 31.31 -2.99 21.11
CA GLU B 158 32.70 -2.75 20.74
C GLU B 158 32.93 -2.73 19.24
N LYS B 159 32.25 -3.63 18.54
CA LYS B 159 32.47 -3.72 17.08
C LYS B 159 31.20 -4.00 16.29
N VAL B 160 31.14 -3.34 15.13
CA VAL B 160 30.05 -3.59 14.20
C VAL B 160 30.55 -3.69 12.75
N ARG B 161 30.17 -4.85 12.22
CA ARG B 161 30.28 -5.17 10.80
C ARG B 161 28.89 -5.43 10.20
N ALA B 162 28.52 -4.76 9.11
CA ALA B 162 27.22 -5.05 8.54
C ALA B 162 27.17 -5.08 7.01
N THR B 163 26.28 -5.91 6.53
CA THR B 163 25.92 -6.00 5.11
C THR B 163 24.47 -5.47 4.89
N ILE B 164 24.37 -4.44 4.07
CA ILE B 164 23.07 -3.85 3.77
C ILE B 164 22.54 -4.28 2.39
N VAL B 165 21.42 -4.97 2.40
CA VAL B 165 20.76 -5.31 1.11
C VAL B 165 19.68 -4.28 0.78
N ARG B 166 20.02 -3.34 -0.09
CA ARG B 166 19.19 -2.21 -0.39
C ARG B 166 18.14 -2.47 -1.48
N ARG B 167 16.90 -2.04 -1.23
CA ARG B 167 15.87 -2.12 -2.35
C ARG B 167 16.35 -1.07 -3.33
N ALA B 168 16.15 -1.38 -4.63
CA ALA B 168 16.60 -0.55 -5.73
C ALA B 168 16.00 0.83 -5.85
N ALA B 169 14.67 0.84 -5.78
CA ALA B 169 13.95 2.12 -5.89
C ALA B 169 12.56 1.93 -5.29
N ASP B 170 11.92 3.03 -4.89
CA ASP B 170 10.57 2.89 -4.34
C ASP B 170 9.59 2.40 -5.41
N GLN B 171 8.50 1.86 -4.91
CA GLN B 171 7.45 1.28 -5.74
C GLN B 171 6.89 2.25 -6.76
N LYS B 172 6.84 3.53 -6.49
CA LYS B 172 6.23 4.49 -7.39
C LYS B 172 7.09 4.89 -8.58
N GLU B 173 8.39 4.67 -8.41
CA GLU B 173 9.41 5.00 -9.39
C GLU B 173 9.30 3.96 -10.52
N VAL B 174 9.17 4.40 -11.77
CA VAL B 174 9.04 3.42 -12.83
C VAL B 174 10.21 3.44 -13.81
N LYS B 175 11.16 4.35 -13.62
CA LYS B 175 12.28 4.46 -14.55
C LYS B 175 13.60 3.99 -13.97
N LYS B 176 13.59 3.36 -12.80
CA LYS B 176 14.85 2.97 -12.17
C LYS B 176 15.00 1.46 -12.13
N GLY B 177 16.23 0.98 -12.31
CA GLY B 177 16.53 -0.42 -12.16
C GLY B 177 17.37 -0.68 -10.90
N PRO B 178 17.91 -1.88 -10.77
CA PRO B 178 17.82 -2.90 -11.78
C PRO B 178 16.54 -3.71 -11.73
N ILE B 179 16.15 -4.18 -12.92
CA ILE B 179 15.04 -5.11 -12.98
C ILE B 179 15.40 -6.49 -12.47
N ASN B 180 16.61 -6.95 -12.80
CA ASN B 180 17.03 -8.29 -12.45
C ASN B 180 18.58 -8.37 -12.43
N SER B 181 19.15 -7.94 -11.34
CA SER B 181 20.60 -7.94 -11.12
C SER B 181 20.85 -7.67 -9.63
N LEU B 182 21.98 -8.15 -9.14
CA LEU B 182 22.47 -7.66 -7.84
C LEU B 182 23.52 -6.64 -8.26
N VAL B 183 23.59 -5.48 -7.64
CA VAL B 183 24.54 -4.45 -8.03
C VAL B 183 25.29 -3.94 -6.79
N PRO B 184 26.56 -4.33 -6.63
CA PRO B 184 27.38 -3.86 -5.53
C PRO B 184 27.12 -2.37 -5.38
N ASP B 185 26.98 -1.89 -4.14
CA ASP B 185 26.62 -0.45 -4.00
C ASP B 185 27.29 0.20 -2.81
N PRO B 186 28.58 0.51 -2.91
CA PRO B 186 29.38 0.29 -4.09
C PRO B 186 30.19 -0.98 -3.96
N ALA B 187 31.15 -1.19 -4.88
CA ALA B 187 31.96 -2.42 -4.74
C ALA B 187 32.95 -2.26 -3.59
N THR B 188 33.44 -1.03 -3.39
CA THR B 188 34.45 -0.75 -2.37
C THR B 188 33.96 -0.92 -0.95
N VAL B 189 34.83 -1.42 -0.07
CA VAL B 189 34.51 -1.58 1.35
C VAL B 189 35.28 -0.51 2.12
N PRO B 190 34.62 0.21 3.01
CA PRO B 190 33.23 0.02 3.36
C PRO B 190 32.26 0.94 2.65
N SER B 191 30.96 0.63 2.73
CA SER B 191 29.95 1.56 2.18
C SER B 191 29.90 2.79 3.10
N HIS B 192 29.31 3.87 2.64
CA HIS B 192 29.16 5.11 3.38
C HIS B 192 28.48 5.00 4.73
N HIS B 193 27.76 3.94 5.03
CA HIS B 193 27.05 3.74 6.25
C HIS B 193 27.91 3.78 7.49
N ALA B 194 29.08 3.15 7.46
CA ALA B 194 29.96 3.08 8.62
C ALA B 194 30.36 4.48 9.06
N LYS B 195 30.76 5.32 8.15
CA LYS B 195 31.14 6.70 8.40
C LYS B 195 29.96 7.50 8.95
N ASP B 196 28.81 7.30 8.30
CA ASP B 196 27.59 8.02 8.70
C ASP B 196 27.26 7.69 10.15
N VAL B 197 27.42 6.42 10.49
CA VAL B 197 27.28 5.97 11.86
C VAL B 197 28.36 6.63 12.74
N ASN B 198 29.60 6.78 12.28
CA ASN B 198 30.61 7.51 13.01
C ASN B 198 30.34 9.01 13.12
N SER B 199 29.39 9.58 12.38
CA SER B 199 29.09 11.00 12.56
C SER B 199 28.14 11.16 13.76
N VAL B 200 27.68 10.06 14.33
CA VAL B 200 26.79 10.04 15.47
C VAL B 200 27.42 9.32 16.65
N ILE B 201 28.14 8.24 16.41
CA ILE B 201 28.89 7.51 17.40
C ILE B 201 30.36 7.57 16.94
N ARG B 202 31.06 8.60 17.37
CA ARG B 202 32.39 8.96 16.98
C ARG B 202 33.42 7.83 16.95
N ASN B 203 33.41 7.01 17.98
CA ASN B 203 34.41 6.00 18.14
C ASN B 203 33.96 4.57 17.95
N LEU B 204 33.01 4.28 17.06
CA LEU B 204 32.70 2.84 16.96
C LEU B 204 33.47 2.24 15.80
N ASP B 205 34.02 1.05 16.07
CA ASP B 205 34.74 0.32 15.01
C ASP B 205 33.62 -0.24 14.11
N ILE B 206 33.35 0.42 13.01
CA ILE B 206 32.20 -0.07 12.20
C ILE B 206 32.62 -0.29 10.77
N ALA B 207 32.26 -1.44 10.20
CA ALA B 207 32.56 -1.61 8.76
C ALA B 207 31.29 -2.14 8.10
N THR B 208 30.92 -1.56 6.95
CA THR B 208 29.70 -2.03 6.29
C THR B 208 29.91 -2.27 4.80
N MET B 209 29.14 -3.20 4.29
CA MET B 209 29.06 -3.50 2.88
C MET B 209 27.58 -3.40 2.41
N ALA B 210 27.38 -2.91 1.19
CA ALA B 210 26.03 -2.83 0.65
C ALA B 210 25.89 -3.34 -0.78
N VAL B 211 24.68 -3.82 -1.09
CA VAL B 211 24.38 -4.21 -2.49
C VAL B 211 22.91 -3.85 -2.79
N ILE B 212 22.58 -3.56 -4.03
CA ILE B 212 21.21 -3.31 -4.48
C ILE B 212 20.63 -4.59 -5.04
N ALA B 213 19.43 -4.97 -4.66
CA ALA B 213 18.62 -6.09 -5.08
C ALA B 213 17.36 -5.59 -5.80
N PRO B 214 16.74 -6.34 -6.72
CA PRO B 214 15.65 -5.82 -7.56
C PRO B 214 14.30 -5.90 -6.88
N THR B 215 14.23 -5.22 -5.73
CA THR B 215 13.05 -5.20 -4.88
C THR B 215 12.68 -3.75 -4.59
N THR B 216 11.44 -3.43 -4.28
CA THR B 216 11.08 -2.03 -4.07
C THR B 216 10.56 -1.79 -2.63
N LEU B 217 10.24 -2.80 -1.91
CA LEU B 217 9.49 -2.60 -0.66
C LEU B 217 10.30 -2.15 0.53
N MET B 218 11.31 -2.92 0.92
CA MET B 218 12.13 -2.68 2.11
C MET B 218 13.59 -3.12 1.93
N HIS B 219 14.51 -2.49 2.64
CA HIS B 219 15.90 -2.95 2.73
C HIS B 219 15.95 -4.03 3.83
N MET B 220 17.08 -4.70 3.94
CA MET B 220 17.33 -5.70 4.97
C MET B 220 18.80 -5.61 5.39
N HIS B 221 19.03 -5.66 6.70
CA HIS B 221 20.36 -5.57 7.27
C HIS B 221 20.68 -6.92 7.94
N PHE B 222 21.95 -7.29 7.83
CA PHE B 222 22.50 -8.55 8.36
C PHE B 222 23.69 -8.15 9.24
N ILE B 223 23.50 -8.25 10.57
CA ILE B 223 24.46 -7.62 11.48
C ILE B 223 25.22 -8.62 12.35
N ASN B 224 26.46 -8.26 12.65
CA ASN B 224 27.27 -9.05 13.59
C ASN B 224 27.77 -8.06 14.66
N ILE B 225 27.28 -8.23 15.90
CA ILE B 225 27.72 -7.24 16.89
C ILE B 225 28.66 -7.88 17.93
N THR B 226 29.78 -7.20 18.16
CA THR B 226 30.64 -7.70 19.25
C THR B 226 30.49 -6.81 20.51
N LEU B 227 30.16 -7.47 21.62
CA LEU B 227 30.04 -6.71 22.87
C LEU B 227 31.27 -6.88 23.77
N LYS B 228 31.18 -6.18 24.90
CA LYS B 228 32.26 -6.11 25.87
C LYS B 228 32.22 -7.26 26.85
N ASP B 229 31.00 -7.52 27.30
CA ASP B 229 30.72 -8.50 28.32
C ASP B 229 29.84 -9.61 27.79
N LYS B 230 30.14 -10.83 28.21
CA LYS B 230 29.29 -11.95 27.81
C LYS B 230 27.88 -11.57 28.26
N VAL B 231 26.88 -11.65 27.39
CA VAL B 231 25.53 -11.28 27.77
C VAL B 231 24.58 -12.48 27.68
N GLU B 232 23.42 -12.31 28.29
CA GLU B 232 22.38 -13.33 28.28
C GLU B 232 21.43 -13.00 27.12
N LYS B 233 20.75 -13.99 26.57
CA LYS B 233 19.86 -13.75 25.44
C LYS B 233 18.59 -13.02 25.86
N LYS B 234 18.11 -13.32 27.06
CA LYS B 234 16.91 -12.70 27.60
C LYS B 234 17.05 -11.18 27.67
N ASP B 235 18.27 -10.74 27.92
CA ASP B 235 18.59 -9.34 28.02
C ASP B 235 18.65 -8.60 26.70
N ILE B 236 19.13 -9.28 25.66
CA ILE B 236 19.17 -8.67 24.32
C ILE B 236 17.73 -8.67 23.79
N LEU B 237 16.98 -9.73 24.09
CA LEU B 237 15.58 -9.87 23.74
C LEU B 237 14.64 -9.04 24.61
N SER B 238 15.05 -8.72 25.84
CA SER B 238 14.22 -7.91 26.72
C SER B 238 14.15 -6.49 26.18
N VAL B 239 15.32 -5.98 25.80
CA VAL B 239 15.43 -4.58 25.40
C VAL B 239 14.99 -4.39 23.95
N LEU B 240 14.99 -5.44 23.13
CA LEU B 240 14.55 -5.29 21.74
C LEU B 240 13.04 -5.26 21.66
N GLU B 241 12.40 -6.01 22.55
CA GLU B 241 10.98 -6.09 22.70
C GLU B 241 10.35 -4.92 23.45
N ASN B 242 11.13 -3.99 23.95
CA ASN B 242 10.60 -2.88 24.71
C ASN B 242 11.17 -1.55 24.35
N THR B 243 11.42 -1.33 23.06
CA THR B 243 12.01 -0.06 22.62
C THR B 243 11.18 0.48 21.46
N PRO B 244 10.39 1.50 21.76
CA PRO B 244 9.61 2.18 20.74
C PRO B 244 10.55 2.45 19.57
N ARG B 245 10.07 2.30 18.37
CA ARG B 245 10.78 2.50 17.12
C ARG B 245 11.53 1.24 16.72
N ILE B 246 11.27 0.15 17.44
CA ILE B 246 11.83 -1.15 17.12
C ILE B 246 10.71 -2.15 17.35
N VAL B 247 10.48 -3.00 16.33
CA VAL B 247 9.47 -4.02 16.54
C VAL B 247 10.12 -5.38 16.23
N LEU B 248 9.54 -6.43 16.75
CA LEU B 248 9.98 -7.76 16.47
C LEU B 248 8.98 -8.50 15.58
N ILE B 249 9.56 -9.29 14.68
CA ILE B 249 8.72 -10.09 13.77
C ILE B 249 8.84 -11.54 14.20
N SER B 250 7.78 -12.22 14.59
CA SER B 250 7.99 -13.61 14.99
C SER B 250 7.83 -14.47 13.71
N SER B 251 7.88 -15.77 13.93
CA SER B 251 7.70 -16.78 12.93
C SER B 251 6.43 -17.56 13.26
N LYS B 252 5.54 -16.93 14.02
CA LYS B 252 4.30 -17.60 14.39
C LYS B 252 3.21 -17.47 13.36
N TYR B 253 3.11 -16.32 12.68
CA TYR B 253 2.00 -16.07 11.75
C TYR B 253 2.34 -16.07 10.29
N ASP B 254 3.50 -16.61 9.92
CA ASP B 254 3.91 -16.72 8.51
C ASP B 254 3.95 -15.39 7.80
N ALA B 255 4.67 -14.45 8.43
CA ALA B 255 4.82 -13.13 7.86
C ALA B 255 6.25 -12.70 7.74
N GLU B 256 7.21 -13.62 7.74
CA GLU B 256 8.61 -13.24 7.60
C GLU B 256 9.06 -13.14 6.14
N ALA B 257 8.67 -12.08 5.50
CA ALA B 257 9.04 -11.71 4.13
C ALA B 257 8.74 -10.24 4.03
N THR B 258 9.57 -9.43 3.42
CA THR B 258 9.26 -8.01 3.37
C THR B 258 7.88 -7.74 2.74
N ALA B 259 7.46 -8.53 1.74
CA ALA B 259 6.14 -8.30 1.12
C ALA B 259 5.00 -8.57 2.06
N GLU B 260 5.13 -9.63 2.87
CA GLU B 260 4.14 -9.97 3.86
C GLU B 260 4.06 -8.95 5.00
N LEU B 261 5.15 -8.27 5.33
CA LEU B 261 5.12 -7.23 6.37
C LEU B 261 4.34 -6.02 5.84
N VAL B 262 4.55 -5.67 4.57
CA VAL B 262 3.79 -4.63 3.88
C VAL B 262 2.30 -5.00 3.94
N GLU B 263 1.95 -6.28 3.77
CA GLU B 263 0.56 -6.70 3.82
C GLU B 263 0.03 -6.51 5.26
N VAL B 264 0.86 -6.84 6.24
CA VAL B 264 0.49 -6.64 7.65
C VAL B 264 0.17 -5.16 7.91
N ALA B 265 0.97 -4.24 7.38
CA ALA B 265 0.71 -2.84 7.48
C ALA B 265 -0.54 -2.38 6.75
N ARG B 266 -0.95 -3.03 5.65
CA ARG B 266 -2.13 -2.65 4.90
C ARG B 266 -3.39 -3.02 5.68
N ASP B 267 -3.35 -4.20 6.27
CA ASP B 267 -4.44 -4.75 7.06
C ASP B 267 -4.58 -4.11 8.44
N LEU B 268 -3.47 -3.58 8.96
CA LEU B 268 -3.44 -2.86 10.22
C LEU B 268 -3.90 -1.42 9.95
N LYS B 269 -4.08 -1.08 8.67
CA LYS B 269 -4.48 0.20 8.18
C LYS B 269 -3.54 1.30 8.58
N ARG B 270 -2.22 1.06 8.52
CA ARG B 270 -1.27 2.13 8.89
C ARG B 270 -1.26 3.11 7.72
N ASP B 271 -1.15 4.41 7.95
CA ASP B 271 -1.12 5.40 6.91
C ASP B 271 -0.01 5.09 5.90
N ARG B 272 -0.42 5.09 4.63
CA ARG B 272 0.42 4.79 3.50
C ARG B 272 1.09 3.43 3.59
N ASN B 273 0.66 2.52 4.43
CA ASN B 273 1.20 1.25 4.80
C ASN B 273 2.65 1.38 5.30
N ASP B 274 2.97 2.50 5.96
CA ASP B 274 4.30 2.71 6.51
C ASP B 274 4.62 1.90 7.75
N ILE B 275 5.87 1.46 7.90
CA ILE B 275 6.35 0.83 9.14
C ILE B 275 7.67 1.54 9.47
N PRO B 276 7.60 2.68 10.15
CA PRO B 276 8.77 3.45 10.52
C PRO B 276 9.72 2.82 11.52
N GLU B 277 9.36 1.72 12.12
CA GLU B 277 10.15 1.00 13.10
C GLU B 277 11.09 -0.03 12.44
N VAL B 278 12.22 -0.26 13.10
CA VAL B 278 13.16 -1.30 12.73
C VAL B 278 12.51 -2.62 13.01
N MET B 279 12.46 -3.48 11.99
CA MET B 279 11.74 -4.73 12.08
C MET B 279 12.68 -5.92 12.23
N ILE B 280 12.92 -6.33 13.46
CA ILE B 280 13.90 -7.36 13.75
C ILE B 280 13.25 -8.72 13.80
N PHE B 281 13.82 -9.65 13.01
CA PHE B 281 13.25 -10.99 13.01
C PHE B 281 13.64 -11.63 14.34
N SER B 282 12.66 -11.92 15.19
CA SER B 282 12.97 -12.48 16.49
C SER B 282 13.72 -13.80 16.39
N ASP B 283 13.48 -14.61 15.40
CA ASP B 283 14.13 -15.88 15.22
C ASP B 283 15.58 -15.73 14.80
N SER B 284 15.99 -14.56 14.32
CA SER B 284 17.38 -14.37 13.94
C SER B 284 18.27 -13.91 15.09
N ILE B 285 17.70 -13.59 16.25
CA ILE B 285 18.47 -13.00 17.36
C ILE B 285 19.39 -14.07 17.94
N TYR B 286 20.67 -13.89 17.62
CA TYR B 286 21.66 -14.87 18.08
C TYR B 286 22.62 -14.16 19.02
N VAL B 287 22.71 -14.70 20.24
CA VAL B 287 23.66 -14.13 21.19
C VAL B 287 24.44 -15.28 21.83
N LYS B 288 25.74 -15.27 21.58
CA LYS B 288 26.60 -16.28 22.18
C LYS B 288 27.80 -15.57 22.81
N ASP B 289 27.80 -15.67 24.15
CA ASP B 289 28.86 -15.00 24.90
C ASP B 289 28.85 -13.51 24.59
N ASP B 290 29.86 -13.00 23.93
CA ASP B 290 29.98 -11.58 23.62
C ASP B 290 29.61 -11.27 22.16
N GLU B 291 29.09 -12.27 21.46
CA GLU B 291 28.76 -12.04 20.04
C GLU B 291 27.25 -11.99 19.81
N VAL B 292 26.81 -10.96 19.06
CA VAL B 292 25.40 -10.93 18.70
C VAL B 292 25.20 -10.88 17.16
N MET B 293 24.30 -11.75 16.72
CA MET B 293 23.91 -11.70 15.31
C MET B 293 22.40 -11.60 15.19
N LEU B 294 21.93 -10.89 14.15
CA LEU B 294 20.53 -10.84 13.81
C LEU B 294 20.31 -10.10 12.49
N MET B 295 19.09 -10.22 11.99
CA MET B 295 18.73 -9.52 10.75
C MET B 295 17.44 -8.74 10.96
N TYR B 296 17.32 -7.63 10.26
CA TYR B 296 16.06 -6.88 10.35
C TYR B 296 15.75 -6.20 9.02
N ALA B 297 14.47 -5.81 8.86
CA ALA B 297 14.01 -5.06 7.72
C ALA B 297 13.84 -3.58 8.03
N VAL B 298 14.11 -2.76 7.01
CA VAL B 298 13.99 -1.34 7.08
C VAL B 298 13.01 -0.79 6.01
N HIS B 299 11.97 -0.10 6.45
CA HIS B 299 11.05 0.57 5.55
C HIS B 299 11.51 1.97 5.27
N GLN B 300 12.26 2.10 4.18
CA GLN B 300 12.89 3.28 3.71
C GLN B 300 11.98 4.47 3.51
N GLU B 301 10.73 4.27 3.09
CA GLU B 301 9.87 5.42 2.86
C GLU B 301 9.55 6.18 4.16
N SER B 302 9.47 5.50 5.28
CA SER B 302 9.05 6.14 6.53
C SER B 302 9.98 6.14 7.72
N ILE B 303 11.01 5.34 7.83
CA ILE B 303 11.89 5.29 9.00
C ILE B 303 12.39 6.63 9.48
N VAL B 304 12.76 7.64 8.73
CA VAL B 304 13.28 8.87 9.28
C VAL B 304 12.17 9.87 9.64
N VAL B 305 10.93 9.55 9.36
CA VAL B 305 9.85 10.52 9.63
C VAL B 305 9.84 10.98 11.07
N PRO B 306 9.74 10.09 12.02
CA PRO B 306 9.73 10.48 13.43
C PRO B 306 11.01 11.17 13.82
N GLU B 307 12.13 10.86 13.16
CA GLU B 307 13.41 11.50 13.47
C GLU B 307 13.45 12.95 13.09
N ASN B 308 12.79 13.32 11.99
CA ASN B 308 12.74 14.71 11.55
C ASN B 308 11.92 15.54 12.58
N ILE B 309 10.90 14.90 13.11
CA ILE B 309 10.05 15.59 14.12
C ILE B 309 10.84 15.90 15.39
N ASP B 310 11.53 14.93 15.97
CA ASP B 310 12.39 15.15 17.12
C ASP B 310 13.54 16.08 16.82
N ALA B 311 14.09 16.02 15.60
CA ALA B 311 15.17 16.89 15.18
C ALA B 311 14.74 18.35 15.25
N ILE B 312 13.49 18.59 14.86
CA ILE B 312 12.91 19.93 14.93
C ILE B 312 12.89 20.40 16.41
N ARG B 313 12.46 19.51 17.27
CA ARG B 313 12.40 19.81 18.71
C ARG B 313 13.79 20.06 19.24
N ALA B 314 14.75 19.17 18.91
CA ALA B 314 16.13 19.38 19.28
C ALA B 314 16.64 20.74 18.81
N SER B 315 16.52 21.05 17.53
CA SER B 315 17.00 22.28 16.99
C SER B 315 16.50 23.53 17.72
N MET B 316 15.18 23.64 17.85
CA MET B 316 14.58 24.83 18.48
C MET B 316 14.50 24.71 19.99
N LYS B 317 15.10 23.68 20.57
CA LYS B 317 15.16 23.39 21.97
C LYS B 317 13.81 23.51 22.68
N LEU B 318 12.78 22.84 22.19
CA LEU B 318 11.47 22.96 22.79
C LEU B 318 11.28 22.06 24.00
N MET B 319 12.09 21.02 24.13
CA MET B 319 11.86 20.06 25.21
C MET B 319 12.96 19.02 25.23
N SER B 320 12.97 18.19 26.26
CA SER B 320 13.96 17.16 26.44
C SER B 320 13.84 16.09 25.35
N ALA B 321 14.74 15.13 25.37
CA ALA B 321 14.74 14.00 24.48
C ALA B 321 13.50 13.12 24.73
N GLU B 322 13.34 12.77 25.99
CA GLU B 322 12.23 11.93 26.44
C GLU B 322 10.90 12.61 26.18
N ASP B 323 10.79 13.93 26.36
CA ASP B 323 9.54 14.62 26.05
C ASP B 323 9.24 14.60 24.56
N SER B 324 10.23 14.97 23.74
CA SER B 324 10.02 14.99 22.28
C SER B 324 9.59 13.64 21.76
N MET B 325 10.37 12.60 22.03
CA MET B 325 10.07 11.25 21.54
C MET B 325 8.75 10.73 22.07
N ARG B 326 8.42 11.15 23.33
CA ARG B 326 7.10 10.68 23.76
C ARG B 326 6.00 11.32 22.93
N ILE B 327 6.05 12.58 22.53
CA ILE B 327 4.93 13.14 21.75
C ILE B 327 4.93 12.58 20.32
N THR B 328 6.13 12.58 19.75
CA THR B 328 6.32 12.06 18.39
C THR B 328 5.78 10.65 18.31
N ASN B 329 6.22 9.76 19.20
CA ASN B 329 5.84 8.38 19.23
C ASN B 329 4.32 8.15 19.33
N GLU B 330 3.71 8.88 20.26
CA GLU B 330 2.28 8.76 20.46
C GLU B 330 1.49 9.34 19.29
N SER B 331 1.88 10.55 18.87
CA SER B 331 1.10 11.14 17.78
C SER B 331 1.23 10.34 16.48
N LEU B 332 2.36 9.71 16.17
CA LEU B 332 2.47 8.97 14.89
C LEU B 332 2.24 7.48 15.03
N GLY B 333 1.61 7.07 16.12
CA GLY B 333 1.30 5.69 16.42
C GLY B 333 2.50 4.78 16.27
N ILE B 334 3.64 5.09 16.82
CA ILE B 334 4.84 4.26 16.80
C ILE B 334 4.72 3.11 17.81
N LEU B 335 5.07 1.92 17.31
CA LEU B 335 5.01 0.73 18.10
C LEU B 335 6.39 0.34 18.66
N LYS B 336 6.29 -0.63 19.56
CA LYS B 336 7.42 -1.27 20.22
C LYS B 336 6.93 -2.71 20.40
N GLY B 337 7.74 -3.65 20.82
CA GLY B 337 7.21 -5.01 20.96
C GLY B 337 6.98 -5.69 19.59
N TYR B 338 6.28 -6.81 19.61
CA TYR B 338 5.98 -7.57 18.43
C TYR B 338 5.03 -6.91 17.44
N LEU B 339 5.49 -6.60 16.22
CA LEU B 339 4.55 -6.15 15.18
C LEU B 339 3.61 -7.28 14.83
N ILE B 340 4.22 -8.43 14.58
CA ILE B 340 3.50 -9.67 14.23
C ILE B 340 4.44 -10.80 14.63
#